data_2EW8
#
_entry.id   2EW8
#
_cell.length_a   130.6
_cell.length_b   110.7
_cell.length_c   77.3
_cell.angle_alpha   90
_cell.angle_beta   116.31
_cell.angle_gamma   90
#
_symmetry.space_group_name_H-M   'C 1 2 1'
#
loop_
_entity.id
_entity.type
_entity.pdbx_description
1 polymer '(S)-1-Phenylethanol dehydrogenase'
2 non-polymer 'SULFATE ION'
3 water water
#
_entity_poly.entity_id   1
_entity_poly.type   'polypeptide(L)'
_entity_poly.pdbx_seq_one_letter_code
;MTQRLKDKLAVITGGANGIGRAIAERFAVEGADIAIADLVPAPEAEAAIRNLGRRVLTVKCDVSQPGDVEAFGKQVISTF
GRCDILVNNAGIYPLIPFDELTFEQWKKTFEINVDSGFLMAKAFVPGMKRNGWGRIINLTSTTYWLKIEAYTHYISTKAA
NIGFTRALASDLGKDGITVNAIAPSLVRTATTEASALSAMFDVLPNMLQAIPRLQVPLDLTGAAAFLASDDASFITGQTL
AVDGGMVRH
;
_entity_poly.pdbx_strand_id   A,B,C,D
#
# COMPACT_ATOMS: atom_id res chain seq x y z
N GLN A 3 -12.34 -4.00 31.65
CA GLN A 3 -12.55 -2.51 31.67
C GLN A 3 -11.29 -1.79 31.19
N ARG A 4 -10.91 -2.03 29.94
CA ARG A 4 -9.72 -1.41 29.37
C ARG A 4 -9.79 0.12 29.26
N LEU A 5 -11.00 0.66 29.16
CA LEU A 5 -11.15 2.12 29.03
C LEU A 5 -11.69 2.73 30.31
N LYS A 6 -11.48 2.03 31.43
CA LYS A 6 -11.93 2.47 32.73
C LYS A 6 -11.54 3.92 33.03
N ASP A 7 -12.51 4.71 33.47
CA ASP A 7 -12.31 6.12 33.83
C ASP A 7 -11.85 7.04 32.70
N LYS A 8 -12.08 6.65 31.45
CA LYS A 8 -11.68 7.49 30.34
C LYS A 8 -12.92 8.24 29.83
N LEU A 9 -12.70 9.37 29.17
CA LEU A 9 -13.81 10.12 28.59
C LEU A 9 -13.55 10.04 27.09
N ALA A 10 -14.51 9.49 26.36
CA ALA A 10 -14.35 9.38 24.92
C ALA A 10 -15.39 10.22 24.19
N VAL A 11 -14.94 10.88 23.12
CA VAL A 11 -15.80 11.70 22.31
C VAL A 11 -16.01 10.96 20.98
N ILE A 12 -17.26 10.83 20.57
CA ILE A 12 -17.58 10.19 19.30
C ILE A 12 -18.45 11.12 18.47
N THR A 13 -17.90 11.63 17.36
CA THR A 13 -18.68 12.51 16.50
C THR A 13 -19.59 11.64 15.63
N GLY A 14 -20.81 12.12 15.39
CA GLY A 14 -21.75 11.35 14.61
C GLY A 14 -22.07 10.06 15.35
N GLY A 15 -22.09 10.13 16.68
CA GLY A 15 -22.34 8.95 17.47
C GLY A 15 -23.79 8.64 17.85
N ALA A 16 -24.73 9.32 17.22
CA ALA A 16 -26.14 9.08 17.52
C ALA A 16 -26.65 7.79 16.89
N ASN A 17 -26.05 7.40 15.75
CA ASN A 17 -26.49 6.19 15.06
C ASN A 17 -25.37 5.40 14.37
N GLY A 18 -25.74 4.27 13.80
CA GLY A 18 -24.80 3.44 13.08
C GLY A 18 -23.51 3.07 13.78
N ILE A 19 -22.43 3.10 13.03
CA ILE A 19 -21.11 2.75 13.55
C ILE A 19 -20.71 3.64 14.73
N GLY A 20 -21.00 4.94 14.61
CA GLY A 20 -20.67 5.86 15.69
C GLY A 20 -21.24 5.42 17.02
N ARG A 21 -22.54 5.16 17.05
CA ARG A 21 -23.22 4.72 18.26
C ARG A 21 -22.67 3.38 18.76
N ALA A 22 -22.47 2.45 17.84
CA ALA A 22 -21.95 1.13 18.21
C ALA A 22 -20.62 1.29 18.94
N ILE A 23 -19.77 2.17 18.44
CA ILE A 23 -18.48 2.40 19.06
C ILE A 23 -18.68 3.02 20.44
N ALA A 24 -19.61 3.96 20.53
CA ALA A 24 -19.89 4.63 21.80
C ALA A 24 -20.34 3.63 22.86
N GLU A 25 -21.27 2.74 22.50
CA GLU A 25 -21.76 1.75 23.46
C GLU A 25 -20.66 0.79 23.87
N ARG A 26 -19.85 0.36 22.92
CA ARG A 26 -18.77 -0.56 23.22
C ARG A 26 -17.78 0.10 24.17
N PHE A 27 -17.45 1.36 23.90
CA PHE A 27 -16.51 2.06 24.76
C PHE A 27 -17.11 2.14 26.17
N ALA A 28 -18.42 2.32 26.26
CA ALA A 28 -19.11 2.37 27.55
C ALA A 28 -18.96 1.03 28.25
N VAL A 29 -19.12 -0.05 27.48
CA VAL A 29 -18.98 -1.40 28.01
C VAL A 29 -17.58 -1.58 28.60
N GLU A 30 -16.59 -0.98 27.93
CA GLU A 30 -15.20 -1.07 28.35
C GLU A 30 -14.88 -0.12 29.51
N GLY A 31 -15.90 0.58 30.01
CA GLY A 31 -15.69 1.48 31.13
C GLY A 31 -15.56 2.97 30.90
N ALA A 32 -15.72 3.42 29.66
CA ALA A 32 -15.58 4.84 29.38
C ALA A 32 -16.89 5.63 29.43
N ASP A 33 -16.80 6.90 29.81
CA ASP A 33 -17.96 7.78 29.82
C ASP A 33 -18.00 8.32 28.40
N ILE A 34 -19.17 8.76 27.96
CA ILE A 34 -19.32 9.21 26.58
C ILE A 34 -19.79 10.64 26.36
N ALA A 35 -19.27 11.24 25.29
CA ALA A 35 -19.64 12.58 24.86
C ALA A 35 -19.87 12.45 23.36
N ILE A 36 -21.11 12.71 22.94
CA ILE A 36 -21.49 12.59 21.54
C ILE A 36 -21.74 13.96 20.91
N ALA A 37 -21.20 14.14 19.71
CA ALA A 37 -21.40 15.38 18.95
C ALA A 37 -22.16 14.94 17.71
N ASP A 38 -23.33 15.54 17.48
CA ASP A 38 -24.13 15.17 16.32
C ASP A 38 -25.23 16.19 16.07
N LEU A 39 -25.82 16.15 14.88
CA LEU A 39 -26.90 17.07 14.51
C LEU A 39 -28.23 16.60 15.08
N VAL A 40 -28.32 15.31 15.37
CA VAL A 40 -29.55 14.74 15.91
C VAL A 40 -29.34 14.20 17.31
N PRO A 41 -30.43 14.01 18.08
CA PRO A 41 -30.39 13.50 19.45
C PRO A 41 -30.02 12.02 19.45
N ALA A 42 -29.49 11.54 20.58
CA ALA A 42 -29.10 10.13 20.69
C ALA A 42 -29.77 9.46 21.89
N PRO A 43 -31.11 9.46 21.92
CA PRO A 43 -31.87 8.84 23.01
C PRO A 43 -31.56 7.37 23.18
N GLU A 44 -31.53 6.65 22.07
CA GLU A 44 -31.24 5.22 22.10
C GLU A 44 -29.84 4.98 22.65
N ALA A 45 -28.89 5.81 22.22
CA ALA A 45 -27.52 5.70 22.66
C ALA A 45 -27.40 6.03 24.15
N GLU A 46 -27.96 7.16 24.55
CA GLU A 46 -27.92 7.60 25.95
C GLU A 46 -28.52 6.57 26.89
N ALA A 47 -29.62 5.95 26.46
CA ALA A 47 -30.28 4.96 27.28
C ALA A 47 -29.34 3.77 27.53
N ALA A 48 -28.84 3.19 26.45
CA ALA A 48 -27.95 2.05 26.55
C ALA A 48 -26.72 2.35 27.41
N ILE A 49 -26.14 3.52 27.21
CA ILE A 49 -24.94 3.89 27.96
C ILE A 49 -25.23 4.07 29.45
N ARG A 50 -26.32 4.75 29.78
CA ARG A 50 -26.66 4.95 31.19
C ARG A 50 -27.00 3.60 31.80
N ASN A 51 -27.53 2.71 30.97
CA ASN A 51 -27.89 1.37 31.41
C ASN A 51 -26.63 0.58 31.71
N LEU A 52 -25.53 0.96 31.09
CA LEU A 52 -24.24 0.29 31.31
C LEU A 52 -23.55 0.87 32.54
N GLY A 53 -24.24 1.79 33.21
CA GLY A 53 -23.69 2.42 34.39
C GLY A 53 -22.72 3.55 34.09
N ARG A 54 -22.74 4.03 32.85
CA ARG A 54 -21.83 5.11 32.44
C ARG A 54 -22.51 6.45 32.26
N ARG A 55 -21.72 7.51 32.30
CA ARG A 55 -22.23 8.88 32.13
C ARG A 55 -22.18 9.20 30.64
N VAL A 56 -23.16 9.96 30.17
CA VAL A 56 -23.20 10.33 28.76
C VAL A 56 -23.71 11.74 28.53
N LEU A 57 -23.14 12.41 27.54
CA LEU A 57 -23.53 13.77 27.17
C LEU A 57 -23.69 13.83 25.65
N THR A 58 -24.79 14.38 25.19
CA THR A 58 -25.03 14.51 23.76
C THR A 58 -25.20 15.99 23.43
N VAL A 59 -24.43 16.47 22.48
CA VAL A 59 -24.51 17.87 22.10
C VAL A 59 -24.89 18.10 20.64
N LYS A 60 -26.00 18.82 20.43
CA LYS A 60 -26.45 19.17 19.09
C LYS A 60 -25.27 19.98 18.56
N CYS A 61 -24.61 19.49 17.51
CA CYS A 61 -23.42 20.18 17.01
C CYS A 61 -23.06 19.89 15.55
N ASP A 62 -22.74 20.94 14.79
CA ASP A 62 -22.33 20.80 13.39
C ASP A 62 -20.80 20.77 13.41
N VAL A 63 -20.23 19.56 13.37
CA VAL A 63 -18.79 19.38 13.44
C VAL A 63 -17.94 20.04 12.36
N SER A 64 -18.57 20.64 11.35
CA SER A 64 -17.82 21.30 10.29
C SER A 64 -17.56 22.78 10.61
N GLN A 65 -18.28 23.30 11.60
CA GLN A 65 -18.15 24.70 11.99
C GLN A 65 -17.20 24.89 13.16
N PRO A 66 -16.19 25.74 13.01
CA PRO A 66 -15.21 26.00 14.07
C PRO A 66 -15.88 26.43 15.38
N GLY A 67 -16.85 27.33 15.28
CA GLY A 67 -17.55 27.80 16.46
C GLY A 67 -18.21 26.67 17.23
N ASP A 68 -18.94 25.81 16.52
CA ASP A 68 -19.61 24.68 17.14
C ASP A 68 -18.61 23.77 17.85
N VAL A 69 -17.57 23.37 17.14
CA VAL A 69 -16.56 22.48 17.70
C VAL A 69 -15.85 23.07 18.91
N GLU A 70 -15.43 24.33 18.82
CA GLU A 70 -14.76 24.97 19.94
C GLU A 70 -15.68 24.98 21.16
N ALA A 71 -16.96 25.29 20.93
CA ALA A 71 -17.93 25.33 22.01
C ALA A 71 -18.16 23.92 22.57
N PHE A 72 -18.13 22.93 21.70
CA PHE A 72 -18.33 21.54 22.11
C PHE A 72 -17.17 21.10 23.00
N GLY A 73 -15.96 21.49 22.61
CA GLY A 73 -14.79 21.13 23.38
C GLY A 73 -14.88 21.68 24.79
N LYS A 74 -15.16 22.97 24.91
CA LYS A 74 -15.27 23.61 26.22
C LYS A 74 -16.32 22.94 27.09
N GLN A 75 -17.44 22.57 26.48
CA GLN A 75 -18.52 21.92 27.19
C GLN A 75 -18.12 20.53 27.69
N VAL A 76 -17.40 19.79 26.86
CA VAL A 76 -16.95 18.45 27.24
C VAL A 76 -15.94 18.55 28.37
N ILE A 77 -14.98 19.46 28.25
CA ILE A 77 -13.97 19.65 29.29
C ILE A 77 -14.62 20.17 30.57
N SER A 78 -15.58 21.08 30.40
CA SER A 78 -16.31 21.66 31.52
C SER A 78 -17.17 20.62 32.24
N THR A 79 -17.70 19.66 31.46
CA THR A 79 -18.56 18.63 32.01
C THR A 79 -17.83 17.45 32.64
N PHE A 80 -16.80 16.95 31.97
CA PHE A 80 -16.06 15.79 32.47
C PHE A 80 -14.65 16.09 32.96
N GLY A 81 -14.14 17.27 32.59
CA GLY A 81 -12.80 17.66 33.00
C GLY A 81 -11.69 16.94 32.24
N ARG A 82 -12.04 16.28 31.14
CA ARG A 82 -11.04 15.54 30.37
C ARG A 82 -11.62 14.90 29.11
N CYS A 83 -10.72 14.57 28.20
CA CYS A 83 -11.06 13.86 26.96
C CYS A 83 -9.81 13.06 26.60
N ASP A 84 -9.89 11.75 26.78
CA ASP A 84 -8.76 10.85 26.51
C ASP A 84 -8.80 10.22 25.13
N ILE A 85 -10.01 10.07 24.59
CA ILE A 85 -10.22 9.43 23.31
C ILE A 85 -11.12 10.21 22.38
N LEU A 86 -10.66 10.42 21.15
CA LEU A 86 -11.42 11.15 20.14
C LEU A 86 -11.65 10.27 18.91
N VAL A 87 -12.92 9.96 18.63
CA VAL A 87 -13.27 9.16 17.46
C VAL A 87 -13.97 10.05 16.44
N ASN A 88 -13.24 10.40 15.37
CA ASN A 88 -13.80 11.24 14.32
C ASN A 88 -14.54 10.33 13.34
N ASN A 89 -15.80 10.08 13.68
CA ASN A 89 -16.67 9.20 12.90
C ASN A 89 -17.60 9.95 11.96
N ALA A 90 -17.90 11.20 12.31
CA ALA A 90 -18.80 12.01 11.49
C ALA A 90 -18.35 12.11 10.02
N GLY A 91 -19.32 12.12 9.12
CA GLY A 91 -19.02 12.21 7.70
C GLY A 91 -20.22 11.88 6.83
N ILE A 92 -20.20 12.38 5.59
CA ILE A 92 -21.29 12.11 4.65
C ILE A 92 -20.73 11.42 3.41
N TYR A 93 -21.58 10.68 2.70
CA TYR A 93 -21.15 9.96 1.51
C TYR A 93 -22.18 9.96 0.38
N PRO A 94 -22.58 11.15 -0.08
CA PRO A 94 -23.56 11.22 -1.16
C PRO A 94 -22.99 10.75 -2.50
N LEU A 95 -23.78 9.98 -3.24
CA LEU A 95 -23.39 9.47 -4.55
C LEU A 95 -23.62 10.60 -5.57
N ILE A 96 -22.57 11.05 -6.23
CA ILE A 96 -22.69 12.15 -7.20
C ILE A 96 -21.76 11.99 -8.41
N PRO A 97 -22.34 11.78 -9.61
CA PRO A 97 -21.53 11.63 -10.81
C PRO A 97 -20.63 12.85 -10.98
N PHE A 98 -19.42 12.66 -11.49
CA PHE A 98 -18.51 13.78 -11.65
C PHE A 98 -19.05 14.96 -12.46
N ASP A 99 -19.71 14.69 -13.58
CA ASP A 99 -20.23 15.79 -14.40
C ASP A 99 -21.35 16.57 -13.73
N GLU A 100 -21.82 16.10 -12.57
CA GLU A 100 -22.88 16.77 -11.83
C GLU A 100 -22.35 17.36 -10.51
N LEU A 101 -21.16 16.92 -10.11
CA LEU A 101 -20.54 17.38 -8.87
C LEU A 101 -20.13 18.85 -8.95
N THR A 102 -20.66 19.69 -8.07
CA THR A 102 -20.33 21.11 -8.08
C THR A 102 -19.25 21.43 -7.06
N PHE A 103 -18.62 22.59 -7.21
CA PHE A 103 -17.58 23.02 -6.28
C PHE A 103 -18.20 23.13 -4.89
N GLU A 104 -19.45 23.57 -4.82
CA GLU A 104 -20.15 23.71 -3.55
C GLU A 104 -20.28 22.34 -2.87
N GLN A 105 -20.69 21.33 -3.62
CA GLN A 105 -20.84 19.98 -3.07
C GLN A 105 -19.47 19.46 -2.62
N TRP A 106 -18.48 19.65 -3.49
CA TRP A 106 -17.12 19.23 -3.21
C TRP A 106 -16.64 19.82 -1.90
N LYS A 107 -16.81 21.14 -1.78
CA LYS A 107 -16.40 21.89 -0.60
C LYS A 107 -17.11 21.43 0.67
N LYS A 108 -18.44 21.27 0.58
CA LYS A 108 -19.24 20.84 1.71
C LYS A 108 -18.77 19.47 2.20
N THR A 109 -18.44 18.59 1.26
CA THR A 109 -17.99 17.25 1.62
C THR A 109 -16.69 17.30 2.43
N PHE A 110 -15.81 18.25 2.09
CA PHE A 110 -14.56 18.40 2.82
C PHE A 110 -14.77 19.01 4.20
N GLU A 111 -15.68 20.00 4.27
CA GLU A 111 -15.96 20.66 5.54
C GLU A 111 -16.48 19.71 6.60
N ILE A 112 -17.32 18.77 6.18
CA ILE A 112 -17.89 17.79 7.09
C ILE A 112 -17.00 16.57 7.32
N ASN A 113 -16.43 16.06 6.24
CA ASN A 113 -15.61 14.86 6.31
C ASN A 113 -14.16 15.06 6.76
N VAL A 114 -13.60 16.23 6.47
CA VAL A 114 -12.21 16.51 6.79
C VAL A 114 -11.95 17.59 7.84
N ASP A 115 -12.57 18.77 7.69
CA ASP A 115 -12.35 19.84 8.65
C ASP A 115 -12.76 19.44 10.06
N SER A 116 -13.83 18.68 10.16
CA SER A 116 -14.34 18.22 11.45
C SER A 116 -13.24 17.53 12.25
N GLY A 117 -12.51 16.63 11.58
CA GLY A 117 -11.43 15.92 12.23
C GLY A 117 -10.37 16.87 12.76
N PHE A 118 -10.01 17.85 11.95
CA PHE A 118 -9.00 18.84 12.33
C PHE A 118 -9.50 19.66 13.53
N LEU A 119 -10.70 20.21 13.40
CA LEU A 119 -11.27 21.03 14.45
C LEU A 119 -11.36 20.29 15.79
N MET A 120 -11.75 19.02 15.76
CA MET A 120 -11.85 18.25 17.00
C MET A 120 -10.47 18.03 17.62
N ALA A 121 -9.45 17.84 16.78
CA ALA A 121 -8.09 17.63 17.27
C ALA A 121 -7.58 18.88 17.99
N LYS A 122 -7.79 20.04 17.39
CA LYS A 122 -7.34 21.29 18.01
C LYS A 122 -8.02 21.43 19.37
N ALA A 123 -9.28 21.01 19.44
CA ALA A 123 -10.03 21.10 20.69
C ALA A 123 -9.53 20.17 21.80
N PHE A 124 -9.22 18.93 21.43
CA PHE A 124 -8.82 17.96 22.45
C PHE A 124 -7.35 17.57 22.58
N VAL A 125 -6.56 17.81 21.53
CA VAL A 125 -5.15 17.45 21.60
C VAL A 125 -4.41 18.13 22.75
N PRO A 126 -4.61 19.44 22.96
CA PRO A 126 -3.91 20.14 24.04
C PRO A 126 -4.01 19.41 25.39
N GLY A 127 -5.22 18.98 25.72
CA GLY A 127 -5.44 18.26 26.97
C GLY A 127 -4.75 16.91 27.01
N MET A 128 -4.84 16.17 25.92
CA MET A 128 -4.21 14.85 25.84
C MET A 128 -2.71 14.99 26.03
N LYS A 129 -2.12 15.99 25.38
CA LYS A 129 -0.69 16.23 25.48
C LYS A 129 -0.31 16.59 26.91
N ARG A 130 -1.08 17.48 27.53
CA ARG A 130 -0.81 17.91 28.90
C ARG A 130 -0.80 16.70 29.84
N ASN A 131 -1.73 15.78 29.65
CA ASN A 131 -1.79 14.59 30.49
C ASN A 131 -0.89 13.46 29.99
N GLY A 132 -0.33 13.63 28.80
CA GLY A 132 0.58 12.62 28.25
C GLY A 132 -0.03 11.30 27.82
N TRP A 133 -1.31 11.30 27.47
CA TRP A 133 -1.99 10.07 27.02
C TRP A 133 -3.17 10.46 26.15
N GLY A 134 -3.32 9.78 25.02
CA GLY A 134 -4.42 10.10 24.12
C GLY A 134 -4.57 9.13 22.98
N ARG A 135 -5.79 9.04 22.47
CA ARG A 135 -6.12 8.17 21.35
C ARG A 135 -7.02 8.91 20.38
N ILE A 136 -6.61 8.99 19.12
CA ILE A 136 -7.42 9.63 18.10
C ILE A 136 -7.66 8.56 17.04
N ILE A 137 -8.93 8.33 16.73
CA ILE A 137 -9.30 7.33 15.73
C ILE A 137 -10.14 7.98 14.65
N ASN A 138 -9.64 7.96 13.43
CA ASN A 138 -10.37 8.54 12.30
C ASN A 138 -11.03 7.47 11.44
N LEU A 139 -12.29 7.69 11.09
CA LEU A 139 -12.99 6.74 10.24
C LEU A 139 -12.75 7.10 8.77
N THR A 140 -12.21 6.15 8.01
CA THR A 140 -12.01 6.36 6.58
C THR A 140 -12.86 5.31 5.86
N SER A 141 -12.50 4.92 4.65
CA SER A 141 -13.31 3.94 3.91
C SER A 141 -12.48 3.08 2.96
N THR A 142 -12.88 1.82 2.79
CA THR A 142 -12.15 0.92 1.89
C THR A 142 -12.35 1.31 0.42
N THR A 143 -13.31 2.20 0.15
CA THR A 143 -13.52 2.66 -1.22
C THR A 143 -12.25 3.35 -1.70
N TYR A 144 -11.38 3.69 -0.75
CA TYR A 144 -10.12 4.34 -1.05
C TYR A 144 -9.28 3.45 -1.98
N TRP A 145 -9.43 2.14 -1.81
CA TRP A 145 -8.69 1.16 -2.62
C TRP A 145 -9.53 0.46 -3.68
N LEU A 146 -10.78 0.90 -3.85
CA LEU A 146 -11.66 0.25 -4.82
C LEU A 146 -12.03 1.11 -6.03
N LYS A 147 -12.22 0.44 -7.16
CA LYS A 147 -12.64 1.10 -8.38
C LYS A 147 -14.16 1.23 -8.22
N ILE A 148 -14.65 2.45 -8.08
CA ILE A 148 -16.08 2.70 -7.90
C ILE A 148 -16.36 4.15 -8.32
N GLU A 149 -17.43 4.35 -9.08
CA GLU A 149 -17.75 5.67 -9.60
C GLU A 149 -18.66 6.54 -8.74
N ALA A 150 -18.72 7.81 -9.11
CA ALA A 150 -19.56 8.81 -8.45
C ALA A 150 -19.18 9.13 -7.01
N TYR A 151 -17.91 8.93 -6.66
CA TYR A 151 -17.45 9.23 -5.31
C TYR A 151 -16.13 9.98 -5.32
N THR A 152 -15.88 10.76 -6.36
CA THR A 152 -14.64 11.52 -6.45
C THR A 152 -14.47 12.46 -5.25
N HIS A 153 -15.55 13.13 -4.86
CA HIS A 153 -15.52 14.03 -3.72
C HIS A 153 -15.33 13.22 -2.43
N TYR A 154 -16.12 12.17 -2.28
CA TYR A 154 -16.07 11.30 -1.10
C TYR A 154 -14.70 10.64 -0.92
N ILE A 155 -14.24 9.94 -1.95
CA ILE A 155 -12.95 9.26 -1.87
C ILE A 155 -11.78 10.21 -1.64
N SER A 156 -11.88 11.44 -2.16
CA SER A 156 -10.83 12.41 -1.96
C SER A 156 -10.75 12.79 -0.47
N THR A 157 -11.89 12.87 0.20
CA THR A 157 -11.90 13.23 1.62
C THR A 157 -11.46 12.04 2.47
N LYS A 158 -11.87 10.84 2.08
CA LYS A 158 -11.50 9.65 2.85
C LYS A 158 -9.98 9.44 2.77
N ALA A 159 -9.39 9.86 1.65
CA ALA A 159 -7.95 9.75 1.47
C ALA A 159 -7.31 10.80 2.37
N ALA A 160 -7.96 11.96 2.46
CA ALA A 160 -7.48 13.05 3.30
C ALA A 160 -7.44 12.58 4.76
N ASN A 161 -8.44 11.78 5.15
CA ASN A 161 -8.51 11.25 6.51
C ASN A 161 -7.26 10.41 6.85
N ILE A 162 -6.79 9.63 5.88
CA ILE A 162 -5.62 8.78 6.06
C ILE A 162 -4.35 9.63 6.14
N GLY A 163 -4.28 10.67 5.31
CA GLY A 163 -3.12 11.55 5.34
C GLY A 163 -3.08 12.23 6.70
N PHE A 164 -4.24 12.74 7.12
CA PHE A 164 -4.36 13.41 8.41
C PHE A 164 -3.90 12.44 9.52
N THR A 165 -4.37 11.20 9.44
CA THR A 165 -4.03 10.18 10.42
C THR A 165 -2.53 9.95 10.48
N ARG A 166 -1.90 9.84 9.31
CA ARG A 166 -0.47 9.60 9.24
C ARG A 166 0.37 10.77 9.72
N ALA A 167 0.05 11.97 9.23
CA ALA A 167 0.80 13.17 9.60
C ALA A 167 0.62 13.57 11.06
N LEU A 168 -0.60 13.50 11.56
CA LEU A 168 -0.85 13.87 12.96
C LEU A 168 -0.17 12.86 13.88
N ALA A 169 -0.13 11.59 13.46
CA ALA A 169 0.52 10.55 14.25
C ALA A 169 1.97 10.95 14.49
N SER A 170 2.63 11.47 13.45
CA SER A 170 4.01 11.91 13.55
C SER A 170 4.14 13.11 14.49
N ASP A 171 3.20 14.04 14.39
CA ASP A 171 3.18 15.23 15.23
C ASP A 171 2.95 14.95 16.72
N LEU A 172 2.18 13.92 17.02
CA LEU A 172 1.85 13.63 18.42
C LEU A 172 2.48 12.39 19.03
N GLY A 173 3.31 11.69 18.27
CA GLY A 173 3.93 10.47 18.77
C GLY A 173 4.77 10.60 20.04
N LYS A 174 5.36 11.76 20.26
CA LYS A 174 6.19 11.95 21.45
C LYS A 174 5.38 12.37 22.67
N ASP A 175 4.07 12.52 22.49
CA ASP A 175 3.21 12.95 23.59
C ASP A 175 2.26 11.90 24.17
N GLY A 176 2.58 10.63 23.97
CA GLY A 176 1.74 9.59 24.50
C GLY A 176 0.40 9.45 23.78
N ILE A 177 0.30 10.08 22.62
CA ILE A 177 -0.91 10.03 21.82
C ILE A 177 -0.71 9.22 20.54
N THR A 178 -1.64 8.33 20.23
CA THR A 178 -1.55 7.55 18.98
C THR A 178 -2.70 8.04 18.12
N VAL A 179 -2.51 7.95 16.79
CA VAL A 179 -3.51 8.38 15.82
C VAL A 179 -3.60 7.27 14.77
N ASN A 180 -4.77 6.65 14.67
CA ASN A 180 -4.97 5.56 13.72
C ASN A 180 -6.30 5.72 12.99
N ALA A 181 -6.50 4.92 11.96
CA ALA A 181 -7.74 4.98 11.19
C ALA A 181 -8.36 3.60 11.02
N ILE A 182 -9.68 3.59 10.90
CA ILE A 182 -10.41 2.36 10.68
C ILE A 182 -11.16 2.54 9.35
N ALA A 183 -10.99 1.58 8.45
CA ALA A 183 -11.64 1.63 7.15
C ALA A 183 -12.67 0.54 6.99
N PRO A 184 -13.95 0.88 7.22
CA PRO A 184 -15.05 -0.07 7.08
C PRO A 184 -15.43 -0.04 5.60
N SER A 185 -16.15 -1.03 5.12
CA SER A 185 -16.57 -1.00 3.73
C SER A 185 -17.78 -0.08 3.69
N LEU A 186 -18.04 0.54 2.54
CA LEU A 186 -19.19 1.43 2.41
C LEU A 186 -20.45 0.61 2.17
N VAL A 187 -21.43 0.70 3.07
CA VAL A 187 -22.66 -0.06 2.91
C VAL A 187 -23.90 0.82 2.94
N ASN A 206 -20.59 -9.33 -1.37
CA ASN A 206 -20.79 -10.70 -0.92
C ASN A 206 -19.63 -11.59 -1.38
N MET A 207 -19.58 -11.87 -2.68
CA MET A 207 -18.52 -12.72 -3.22
C MET A 207 -17.20 -11.97 -3.38
N LEU A 208 -17.25 -10.64 -3.23
CA LEU A 208 -16.05 -9.83 -3.35
C LEU A 208 -15.23 -9.91 -2.06
N GLN A 209 -15.87 -10.33 -0.98
CA GLN A 209 -15.22 -10.45 0.32
C GLN A 209 -14.76 -11.90 0.51
N ALA A 210 -13.81 -12.11 1.41
CA ALA A 210 -13.34 -13.45 1.71
C ALA A 210 -14.37 -14.08 2.64
N ILE A 211 -14.94 -13.25 3.51
CA ILE A 211 -15.98 -13.67 4.45
C ILE A 211 -17.23 -13.02 3.86
N PRO A 212 -18.01 -13.80 3.10
CA PRO A 212 -19.25 -13.42 2.41
C PRO A 212 -20.28 -12.52 3.08
N ARG A 213 -20.68 -12.82 4.32
CA ARG A 213 -21.71 -12.02 5.00
C ARG A 213 -21.56 -10.50 4.96
N LEU A 214 -22.69 -9.83 5.15
CA LEU A 214 -22.77 -8.38 5.15
C LEU A 214 -22.21 -7.78 6.44
N GLN A 215 -21.49 -6.67 6.29
CA GLN A 215 -20.90 -5.97 7.41
C GLN A 215 -21.94 -5.27 8.29
N VAL A 216 -21.74 -5.33 9.60
CA VAL A 216 -22.66 -4.66 10.54
C VAL A 216 -21.82 -3.82 11.50
N PRO A 217 -22.38 -2.72 12.00
CA PRO A 217 -21.70 -1.82 12.94
C PRO A 217 -20.86 -2.50 14.02
N LEU A 218 -21.37 -3.60 14.57
CA LEU A 218 -20.64 -4.31 15.61
C LEU A 218 -19.29 -4.84 15.14
N ASP A 219 -19.17 -5.13 13.85
CA ASP A 219 -17.92 -5.64 13.27
C ASP A 219 -16.75 -4.66 13.46
N LEU A 220 -17.05 -3.39 13.67
CA LEU A 220 -16.01 -2.37 13.83
C LEU A 220 -15.64 -2.04 15.27
N THR A 221 -16.52 -2.36 16.22
CA THR A 221 -16.27 -2.04 17.62
C THR A 221 -15.03 -2.70 18.23
N GLY A 222 -14.75 -3.95 17.84
CA GLY A 222 -13.58 -4.61 18.36
C GLY A 222 -12.30 -3.85 18.05
N ALA A 223 -12.18 -3.43 16.79
CA ALA A 223 -11.00 -2.70 16.35
C ALA A 223 -10.93 -1.33 17.04
N ALA A 224 -12.08 -0.71 17.25
CA ALA A 224 -12.11 0.60 17.91
C ALA A 224 -11.62 0.48 19.35
N ALA A 225 -12.13 -0.52 20.06
CA ALA A 225 -11.76 -0.74 21.46
C ALA A 225 -10.28 -1.10 21.58
N PHE A 226 -9.80 -1.91 20.63
CA PHE A 226 -8.41 -2.32 20.61
C PHE A 226 -7.49 -1.11 20.49
N LEU A 227 -7.66 -0.34 19.41
CA LEU A 227 -6.82 0.82 19.16
C LEU A 227 -6.86 1.86 20.29
N ALA A 228 -8.02 2.03 20.91
CA ALA A 228 -8.17 3.00 21.99
C ALA A 228 -7.65 2.50 23.34
N SER A 229 -7.23 1.25 23.40
CA SER A 229 -6.71 0.67 24.64
C SER A 229 -5.19 0.68 24.71
N ASP A 230 -4.67 0.22 25.84
CA ASP A 230 -3.23 0.15 26.02
C ASP A 230 -2.65 -1.10 25.35
N ASP A 231 -3.49 -1.85 24.64
CA ASP A 231 -3.03 -3.02 23.91
C ASP A 231 -2.45 -2.53 22.57
N ALA A 232 -2.55 -1.21 22.34
CA ALA A 232 -2.10 -0.62 21.08
C ALA A 232 -1.24 0.63 21.26
N SER A 233 -0.53 0.69 22.39
CA SER A 233 0.33 1.83 22.70
C SER A 233 1.44 2.09 21.68
N PHE A 234 1.89 1.04 21.00
CA PHE A 234 2.97 1.18 20.03
C PHE A 234 2.48 1.24 18.59
N ILE A 235 1.16 1.31 18.42
CA ILE A 235 0.55 1.38 17.09
C ILE A 235 0.05 2.78 16.80
N THR A 236 0.60 3.42 15.77
CA THR A 236 0.17 4.76 15.41
C THR A 236 0.44 5.06 13.94
N GLY A 237 -0.42 5.90 13.34
CA GLY A 237 -0.28 6.25 11.95
C GLY A 237 -0.74 5.15 10.99
N GLN A 238 -1.42 4.14 11.53
CA GLN A 238 -1.88 3.01 10.73
C GLN A 238 -3.35 3.10 10.32
N THR A 239 -3.71 2.32 9.30
CA THR A 239 -5.07 2.25 8.81
C THR A 239 -5.47 0.77 8.83
N LEU A 240 -6.49 0.44 9.61
CA LEU A 240 -6.95 -0.93 9.71
C LEU A 240 -8.27 -1.14 8.96
N ALA A 241 -8.23 -1.97 7.93
CA ALA A 241 -9.43 -2.25 7.15
C ALA A 241 -10.22 -3.39 7.79
N VAL A 242 -11.49 -3.15 8.05
CA VAL A 242 -12.38 -4.16 8.64
C VAL A 242 -13.50 -4.30 7.62
N ASP A 243 -13.35 -5.24 6.69
CA ASP A 243 -14.34 -5.40 5.63
C ASP A 243 -14.56 -6.82 5.14
N GLY A 244 -14.22 -7.81 5.96
CA GLY A 244 -14.43 -9.19 5.54
C GLY A 244 -13.37 -9.71 4.57
N GLY A 245 -12.26 -9.01 4.48
CA GLY A 245 -11.20 -9.46 3.61
C GLY A 245 -11.34 -9.14 2.13
N MET A 246 -11.94 -8.00 1.79
CA MET A 246 -12.07 -7.64 0.38
C MET A 246 -10.79 -6.93 -0.05
N VAL A 247 -10.53 -5.76 0.53
CA VAL A 247 -9.32 -5.02 0.18
C VAL A 247 -8.09 -5.59 0.88
N ARG A 248 -6.93 -5.36 0.26
CA ARG A 248 -5.66 -5.80 0.80
C ARG A 248 -4.68 -4.64 0.58
N HIS A 249 -4.01 -4.19 1.63
CA HIS A 249 -3.08 -3.08 1.51
C HIS A 249 -1.90 -3.22 2.48
N GLN B 3 -11.06 -13.47 29.39
CA GLN B 3 -10.59 -14.73 28.75
C GLN B 3 -11.12 -14.86 27.32
N ARG B 4 -10.63 -14.01 26.43
CA ARG B 4 -11.07 -14.05 25.04
C ARG B 4 -10.66 -15.33 24.31
N LEU B 5 -9.65 -16.02 24.82
CA LEU B 5 -9.20 -17.26 24.19
C LEU B 5 -9.46 -18.48 25.07
N LYS B 6 -10.56 -18.43 25.82
CA LYS B 6 -10.93 -19.53 26.71
C LYS B 6 -11.23 -20.83 25.99
N ASP B 7 -10.67 -21.92 26.50
CA ASP B 7 -10.87 -23.26 25.96
C ASP B 7 -10.33 -23.46 24.55
N LYS B 8 -9.21 -22.82 24.23
CA LYS B 8 -8.63 -22.97 22.91
C LYS B 8 -7.16 -23.37 23.00
N LEU B 9 -6.70 -24.07 21.97
CA LEU B 9 -5.31 -24.51 21.91
C LEU B 9 -4.65 -23.67 20.82
N ALA B 10 -3.59 -22.98 21.20
CA ALA B 10 -2.87 -22.15 20.23
C ALA B 10 -1.48 -22.74 20.03
N VAL B 11 -1.05 -22.80 18.77
CA VAL B 11 0.27 -23.29 18.43
C VAL B 11 1.13 -22.09 18.06
N ILE B 12 2.29 -21.96 18.69
CA ILE B 12 3.19 -20.88 18.37
C ILE B 12 4.52 -21.48 17.92
N THR B 13 4.87 -21.31 16.65
CA THR B 13 6.13 -21.84 16.15
C THR B 13 7.23 -20.85 16.55
N GLY B 14 8.40 -21.38 16.88
CA GLY B 14 9.50 -20.54 17.32
C GLY B 14 9.12 -19.81 18.59
N GLY B 15 8.27 -20.43 19.40
CA GLY B 15 7.80 -19.80 20.61
C GLY B 15 8.62 -19.89 21.89
N ALA B 16 9.83 -20.44 21.81
CA ALA B 16 10.65 -20.55 23.01
C ALA B 16 11.15 -19.19 23.50
N ASN B 17 11.43 -18.27 22.57
CA ASN B 17 11.92 -16.95 22.95
C ASN B 17 11.31 -15.78 22.16
N GLY B 18 11.79 -14.58 22.48
CA GLY B 18 11.35 -13.38 21.80
C GLY B 18 9.86 -13.11 21.68
N ILE B 19 9.48 -12.62 20.50
CA ILE B 19 8.09 -12.30 20.23
C ILE B 19 7.20 -13.54 20.33
N GLY B 20 7.70 -14.67 19.85
CA GLY B 20 6.92 -15.90 19.93
C GLY B 20 6.57 -16.22 21.36
N ARG B 21 7.56 -16.13 22.25
CA ARG B 21 7.31 -16.41 23.66
C ARG B 21 6.32 -15.44 24.28
N ALA B 22 6.51 -14.15 24.04
CA ALA B 22 5.61 -13.14 24.58
C ALA B 22 4.16 -13.40 24.16
N ILE B 23 3.98 -13.76 22.89
CA ILE B 23 2.65 -14.03 22.38
C ILE B 23 2.05 -15.28 23.05
N ALA B 24 2.87 -16.31 23.22
CA ALA B 24 2.41 -17.55 23.85
C ALA B 24 1.91 -17.30 25.28
N GLU B 25 2.63 -16.49 26.03
CA GLU B 25 2.25 -16.17 27.40
C GLU B 25 0.98 -15.32 27.46
N ARG B 26 0.87 -14.35 26.56
CA ARG B 26 -0.32 -13.49 26.51
C ARG B 26 -1.55 -14.33 26.21
N PHE B 27 -1.41 -15.24 25.25
CA PHE B 27 -2.52 -16.12 24.88
C PHE B 27 -2.93 -16.95 26.09
N ALA B 28 -1.93 -17.36 26.89
CA ALA B 28 -2.19 -18.14 28.09
C ALA B 28 -2.99 -17.28 29.07
N VAL B 29 -2.58 -16.03 29.22
CA VAL B 29 -3.27 -15.10 30.11
C VAL B 29 -4.74 -15.00 29.68
N GLU B 30 -4.96 -15.04 28.36
CA GLU B 30 -6.30 -14.93 27.78
C GLU B 30 -7.09 -16.24 27.87
N GLY B 31 -6.48 -17.27 28.46
CA GLY B 31 -7.17 -18.54 28.62
C GLY B 31 -6.85 -19.70 27.69
N ALA B 32 -5.87 -19.54 26.81
CA ALA B 32 -5.54 -20.63 25.90
C ALA B 32 -4.44 -21.57 26.38
N ASP B 33 -4.57 -22.85 26.04
CA ASP B 33 -3.53 -23.82 26.37
C ASP B 33 -2.54 -23.64 25.23
N ILE B 34 -1.28 -23.98 25.48
CA ILE B 34 -0.24 -23.75 24.47
C ILE B 34 0.56 -24.96 23.99
N ALA B 35 0.89 -24.93 22.71
CA ALA B 35 1.71 -25.97 22.08
C ALA B 35 2.79 -25.20 21.33
N ILE B 36 4.04 -25.44 21.68
CA ILE B 36 5.17 -24.75 21.05
C ILE B 36 6.02 -25.68 20.18
N ALA B 37 6.36 -25.21 18.99
CA ALA B 37 7.22 -25.97 18.07
C ALA B 37 8.49 -25.16 17.92
N ASP B 38 9.63 -25.74 18.27
CA ASP B 38 10.90 -25.03 18.18
C ASP B 38 12.07 -26.00 18.26
N LEU B 39 13.24 -25.54 17.82
CA LEU B 39 14.44 -26.37 17.83
C LEU B 39 15.05 -26.45 19.23
N VAL B 40 14.67 -25.52 20.10
CA VAL B 40 15.20 -25.49 21.46
C VAL B 40 14.08 -25.57 22.49
N PRO B 41 14.39 -26.08 23.69
CA PRO B 41 13.37 -26.18 24.74
C PRO B 41 12.94 -24.77 25.15
N ALA B 42 11.79 -24.66 25.82
CA ALA B 42 11.28 -23.37 26.24
C ALA B 42 10.93 -23.34 27.72
N PRO B 43 11.94 -23.54 28.59
CA PRO B 43 11.72 -23.54 30.05
C PRO B 43 11.04 -22.29 30.61
N GLU B 44 11.50 -21.11 30.21
CA GLU B 44 10.90 -19.86 30.69
C GLU B 44 9.45 -19.75 30.26
N ALA B 45 9.17 -20.12 29.02
CA ALA B 45 7.82 -20.05 28.50
C ALA B 45 6.90 -21.00 29.24
N GLU B 46 7.34 -22.24 29.40
CA GLU B 46 6.52 -23.22 30.10
C GLU B 46 6.16 -22.79 31.52
N ALA B 47 7.15 -22.29 32.26
CA ALA B 47 6.91 -21.84 33.64
C ALA B 47 5.85 -20.75 33.70
N ALA B 48 5.96 -19.76 32.81
CA ALA B 48 5.00 -18.66 32.78
C ALA B 48 3.59 -19.15 32.48
N ILE B 49 3.47 -20.02 31.49
CA ILE B 49 2.17 -20.57 31.09
C ILE B 49 1.56 -21.42 32.20
N ARG B 50 2.35 -22.30 32.80
CA ARG B 50 1.85 -23.14 33.88
C ARG B 50 1.51 -22.27 35.09
N ASN B 51 2.23 -21.17 35.25
CA ASN B 51 1.95 -20.27 36.36
C ASN B 51 0.54 -19.69 36.20
N LEU B 52 0.08 -19.63 34.96
CA LEU B 52 -1.25 -19.10 34.65
C LEU B 52 -2.31 -20.19 34.70
N GLY B 53 -1.92 -21.37 35.18
CA GLY B 53 -2.85 -22.48 35.29
C GLY B 53 -3.23 -23.11 33.96
N ARG B 54 -2.45 -22.83 32.92
CA ARG B 54 -2.70 -23.36 31.59
C ARG B 54 -1.77 -24.52 31.26
N ARG B 55 -2.18 -25.36 30.31
CA ARG B 55 -1.37 -26.48 29.89
C ARG B 55 -0.39 -26.06 28.81
N VAL B 56 0.75 -26.75 28.74
CA VAL B 56 1.75 -26.43 27.74
C VAL B 56 2.47 -27.68 27.26
N LEU B 57 2.81 -27.69 25.98
CA LEU B 57 3.53 -28.79 25.37
C LEU B 57 4.55 -28.15 24.43
N THR B 58 5.82 -28.51 24.60
CA THR B 58 6.87 -28.00 23.74
C THR B 58 7.49 -29.19 23.04
N VAL B 59 7.57 -29.13 21.72
CA VAL B 59 8.11 -30.23 20.93
C VAL B 59 9.31 -29.81 20.10
N LYS B 60 10.41 -30.56 20.21
CA LYS B 60 11.59 -30.25 19.41
C LYS B 60 11.15 -30.56 18.00
N CYS B 61 11.23 -29.57 17.12
CA CYS B 61 10.76 -29.73 15.76
C CYS B 61 11.40 -28.74 14.80
N ASP B 62 11.78 -29.22 13.61
CA ASP B 62 12.37 -28.35 12.59
C ASP B 62 11.16 -27.99 11.73
N VAL B 63 10.55 -26.85 12.01
CA VAL B 63 9.36 -26.42 11.28
C VAL B 63 9.48 -26.31 9.76
N SER B 64 10.68 -26.48 9.23
CA SER B 64 10.85 -26.39 7.78
C SER B 64 10.76 -27.78 7.14
N GLN B 65 10.79 -28.82 7.97
CA GLN B 65 10.74 -30.21 7.49
C GLN B 65 9.35 -30.82 7.55
N PRO B 66 8.82 -31.23 6.39
CA PRO B 66 7.49 -31.84 6.30
C PRO B 66 7.28 -32.94 7.34
N GLY B 67 8.29 -33.80 7.48
CA GLY B 67 8.20 -34.89 8.44
C GLY B 67 8.01 -34.43 9.87
N ASP B 68 8.80 -33.43 10.29
CA ASP B 68 8.68 -32.91 11.65
C ASP B 68 7.33 -32.26 11.89
N VAL B 69 6.89 -31.44 10.93
CA VAL B 69 5.61 -30.77 11.08
C VAL B 69 4.47 -31.77 11.15
N GLU B 70 4.54 -32.82 10.33
CA GLU B 70 3.49 -33.83 10.34
C GLU B 70 3.44 -34.55 11.69
N ALA B 71 4.61 -34.86 12.23
CA ALA B 71 4.68 -35.53 13.53
C ALA B 71 4.17 -34.55 14.59
N PHE B 72 4.65 -33.31 14.54
CA PHE B 72 4.23 -32.29 15.49
C PHE B 72 2.70 -32.19 15.48
N GLY B 73 2.12 -32.15 14.28
CA GLY B 73 0.68 -32.05 14.16
C GLY B 73 -0.08 -33.21 14.78
N LYS B 74 0.41 -34.43 14.59
CA LYS B 74 -0.25 -35.60 15.15
C LYS B 74 -0.14 -35.59 16.67
N GLN B 75 0.98 -35.12 17.18
CA GLN B 75 1.19 -35.08 18.62
C GLN B 75 0.25 -34.05 19.25
N VAL B 76 0.13 -32.89 18.62
CA VAL B 76 -0.75 -31.84 19.13
C VAL B 76 -2.20 -32.32 19.14
N ILE B 77 -2.65 -32.90 18.03
CA ILE B 77 -4.03 -33.39 17.95
C ILE B 77 -4.27 -34.51 18.95
N SER B 78 -3.30 -35.39 19.11
CA SER B 78 -3.45 -36.49 20.06
C SER B 78 -3.50 -35.98 21.49
N THR B 79 -2.71 -34.95 21.77
CA THR B 79 -2.64 -34.37 23.11
C THR B 79 -3.77 -33.39 23.45
N PHE B 80 -4.13 -32.51 22.51
CA PHE B 80 -5.19 -31.54 22.75
C PHE B 80 -6.44 -31.75 21.90
N GLY B 81 -6.34 -32.65 20.93
CA GLY B 81 -7.49 -32.91 20.08
C GLY B 81 -7.61 -31.97 18.90
N ARG B 82 -7.19 -30.73 19.07
CA ARG B 82 -7.29 -29.76 17.99
C ARG B 82 -6.49 -28.48 18.24
N CYS B 83 -6.21 -27.76 17.16
CA CYS B 83 -5.50 -26.50 17.23
C CYS B 83 -6.46 -25.45 16.67
N ASP B 84 -6.83 -24.48 17.50
CA ASP B 84 -7.76 -23.45 17.08
C ASP B 84 -7.03 -22.19 16.58
N ILE B 85 -5.82 -21.97 17.09
CA ILE B 85 -5.04 -20.79 16.73
C ILE B 85 -3.63 -21.18 16.34
N LEU B 86 -3.22 -20.78 15.13
CA LEU B 86 -1.87 -21.06 14.65
C LEU B 86 -1.12 -19.76 14.46
N VAL B 87 0.01 -19.62 15.17
CA VAL B 87 0.82 -18.43 15.03
C VAL B 87 2.14 -18.84 14.37
N ASN B 88 2.31 -18.47 13.11
CA ASN B 88 3.53 -18.79 12.38
C ASN B 88 4.54 -17.68 12.66
N ASN B 89 5.28 -17.86 13.74
CA ASN B 89 6.27 -16.88 14.19
C ASN B 89 7.70 -17.27 13.85
N ALA B 90 7.95 -18.57 13.70
CA ALA B 90 9.30 -19.05 13.39
C ALA B 90 9.88 -18.38 12.14
N GLY B 91 11.17 -18.02 12.22
CA GLY B 91 11.84 -17.41 11.09
C GLY B 91 13.25 -16.96 11.41
N ILE B 92 14.12 -16.95 10.40
CA ILE B 92 15.49 -16.49 10.58
C ILE B 92 15.67 -15.21 9.77
N TYR B 93 16.63 -14.38 10.17
CA TYR B 93 16.87 -13.12 9.47
C TYR B 93 18.34 -12.72 9.45
N PRO B 94 19.22 -13.59 8.96
CA PRO B 94 20.64 -13.22 8.92
C PRO B 94 20.89 -12.14 7.87
N LEU B 95 21.84 -11.26 8.15
CA LEU B 95 22.22 -10.19 7.22
C LEU B 95 23.19 -10.82 6.23
N ILE B 96 22.89 -10.70 4.95
CA ILE B 96 23.74 -11.27 3.91
C ILE B 96 23.75 -10.41 2.64
N PRO B 97 24.87 -9.74 2.36
CA PRO B 97 24.98 -8.88 1.17
C PRO B 97 24.71 -9.72 -0.07
N PHE B 98 24.04 -9.13 -1.07
CA PHE B 98 23.72 -9.88 -2.27
C PHE B 98 24.91 -10.63 -2.88
N ASP B 99 26.04 -9.94 -3.01
CA ASP B 99 27.22 -10.57 -3.58
C ASP B 99 27.61 -11.85 -2.84
N GLU B 100 27.33 -11.90 -1.55
CA GLU B 100 27.66 -13.06 -0.72
C GLU B 100 26.54 -14.11 -0.64
N LEU B 101 25.31 -13.70 -0.98
CA LEU B 101 24.16 -14.60 -0.90
C LEU B 101 24.16 -15.74 -1.90
N THR B 102 24.20 -16.97 -1.40
CA THR B 102 24.19 -18.15 -2.27
C THR B 102 22.80 -18.74 -2.40
N PHE B 103 22.61 -19.58 -3.40
CA PHE B 103 21.33 -20.23 -3.64
C PHE B 103 20.92 -21.08 -2.44
N GLU B 104 21.90 -21.70 -1.78
CA GLU B 104 21.61 -22.53 -0.63
C GLU B 104 21.05 -21.72 0.54
N GLN B 105 21.64 -20.57 0.80
CA GLN B 105 21.17 -19.71 1.89
C GLN B 105 19.80 -19.17 1.52
N TRP B 106 19.64 -18.82 0.24
CA TRP B 106 18.37 -18.32 -0.27
C TRP B 106 17.29 -19.37 -0.02
N LYS B 107 17.54 -20.60 -0.48
CA LYS B 107 16.57 -21.67 -0.29
C LYS B 107 16.29 -21.94 1.18
N LYS B 108 17.35 -22.02 1.98
CA LYS B 108 17.21 -22.29 3.40
C LYS B 108 16.28 -21.27 4.06
N THR B 109 16.45 -20.00 3.71
CA THR B 109 15.64 -18.92 4.26
C THR B 109 14.18 -19.15 3.90
N PHE B 110 13.91 -19.57 2.67
CA PHE B 110 12.53 -19.85 2.25
C PHE B 110 11.94 -21.06 2.97
N GLU B 111 12.75 -22.09 3.16
CA GLU B 111 12.28 -23.31 3.83
C GLU B 111 11.86 -23.03 5.27
N ILE B 112 12.62 -22.20 5.97
CA ILE B 112 12.31 -21.88 7.35
C ILE B 112 11.23 -20.80 7.48
N ASN B 113 11.42 -19.69 6.78
CA ASN B 113 10.49 -18.57 6.84
C ASN B 113 9.17 -18.72 6.11
N VAL B 114 9.13 -19.52 5.05
CA VAL B 114 7.90 -19.65 4.27
C VAL B 114 7.25 -21.04 4.22
N ASP B 115 8.04 -22.09 4.02
CA ASP B 115 7.48 -23.44 3.95
C ASP B 115 6.82 -23.84 5.28
N SER B 116 7.39 -23.38 6.38
CA SER B 116 6.86 -23.71 7.71
C SER B 116 5.40 -23.30 7.86
N GLY B 117 5.08 -22.08 7.45
CA GLY B 117 3.71 -21.61 7.55
C GLY B 117 2.75 -22.47 6.74
N PHE B 118 3.18 -22.89 5.55
CA PHE B 118 2.37 -23.73 4.69
C PHE B 118 2.14 -25.09 5.35
N LEU B 119 3.24 -25.71 5.77
CA LEU B 119 3.21 -27.01 6.43
C LEU B 119 2.30 -27.02 7.66
N MET B 120 2.42 -25.99 8.50
CA MET B 120 1.62 -25.89 9.71
C MET B 120 0.13 -25.75 9.35
N ALA B 121 -0.16 -24.89 8.38
CA ALA B 121 -1.54 -24.68 7.95
C ALA B 121 -2.15 -26.00 7.47
N LYS B 122 -1.38 -26.76 6.68
CA LYS B 122 -1.87 -28.04 6.16
C LYS B 122 -2.21 -28.97 7.32
N ALA B 123 -1.41 -28.91 8.38
CA ALA B 123 -1.62 -29.77 9.53
C ALA B 123 -2.80 -29.37 10.43
N PHE B 124 -3.03 -28.07 10.59
CA PHE B 124 -4.09 -27.62 11.49
C PHE B 124 -5.36 -27.01 10.90
N VAL B 125 -5.36 -26.69 9.61
CA VAL B 125 -6.56 -26.11 9.00
C VAL B 125 -7.73 -27.10 8.99
N PRO B 126 -7.47 -28.39 8.74
CA PRO B 126 -8.56 -29.37 8.72
C PRO B 126 -9.39 -29.36 10.01
N GLY B 127 -8.70 -29.25 11.14
CA GLY B 127 -9.38 -29.23 12.42
C GLY B 127 -10.18 -27.97 12.65
N MET B 128 -9.66 -26.85 12.19
CA MET B 128 -10.34 -25.56 12.33
C MET B 128 -11.62 -25.56 11.49
N LYS B 129 -11.48 -25.99 10.25
CA LYS B 129 -12.61 -26.04 9.32
C LYS B 129 -13.72 -26.94 9.85
N ARG B 130 -13.34 -28.07 10.43
CA ARG B 130 -14.30 -29.01 11.00
C ARG B 130 -15.07 -28.37 12.15
N ASN B 131 -14.38 -27.55 12.94
CA ASN B 131 -15.00 -26.88 14.09
C ASN B 131 -15.60 -25.53 13.71
N GLY B 132 -15.50 -25.16 12.44
CA GLY B 132 -16.06 -23.89 11.99
C GLY B 132 -15.45 -22.62 12.56
N TRP B 133 -14.23 -22.72 13.10
CA TRP B 133 -13.56 -21.55 13.67
C TRP B 133 -12.06 -21.75 13.64
N GLY B 134 -11.34 -20.68 13.33
CA GLY B 134 -9.91 -20.75 13.28
C GLY B 134 -9.25 -19.39 13.16
N ARG B 135 -7.98 -19.35 13.54
CA ARG B 135 -7.19 -18.13 13.47
C ARG B 135 -5.77 -18.47 13.09
N ILE B 136 -5.27 -17.83 12.04
CA ILE B 136 -3.90 -18.02 11.62
C ILE B 136 -3.29 -16.63 11.58
N ILE B 137 -2.18 -16.46 12.28
CA ILE B 137 -1.49 -15.18 12.33
C ILE B 137 -0.07 -15.40 11.85
N ASN B 138 0.30 -14.70 10.78
CA ASN B 138 1.65 -14.84 10.24
C ASN B 138 2.53 -13.64 10.58
N LEU B 139 3.73 -13.92 11.09
CA LEU B 139 4.66 -12.85 11.42
C LEU B 139 5.46 -12.45 10.18
N THR B 140 5.37 -11.19 9.78
CA THR B 140 6.16 -10.72 8.66
C THR B 140 7.11 -9.65 9.20
N SER B 141 7.44 -8.63 8.41
CA SER B 141 8.38 -7.60 8.88
C SER B 141 8.20 -6.27 8.17
N THR B 142 8.33 -5.17 8.92
CA THR B 142 8.19 -3.83 8.34
C THR B 142 9.32 -3.54 7.34
N THR B 143 10.39 -4.33 7.37
CA THR B 143 11.48 -4.12 6.42
C THR B 143 10.94 -4.28 5.00
N TYR B 144 9.76 -4.90 4.91
CA TYR B 144 9.10 -5.10 3.63
C TYR B 144 8.86 -3.76 2.93
N TRP B 145 8.66 -2.70 3.71
CA TRP B 145 8.43 -1.35 3.16
C TRP B 145 9.63 -0.43 3.35
N LEU B 146 10.76 -0.98 3.77
CA LEU B 146 11.92 -0.14 4.01
C LEU B 146 13.10 -0.38 3.10
N LYS B 147 13.87 0.68 2.90
CA LYS B 147 15.07 0.61 2.09
C LYS B 147 16.15 0.15 3.07
N ILE B 148 16.59 -1.09 2.91
CA ILE B 148 17.62 -1.65 3.78
C ILE B 148 18.35 -2.73 2.99
N GLU B 149 19.68 -2.67 3.03
CA GLU B 149 20.52 -3.60 2.29
C GLU B 149 20.81 -4.94 2.97
N ALA B 150 21.31 -5.88 2.20
CA ALA B 150 21.70 -7.19 2.71
C ALA B 150 20.57 -8.09 3.22
N TYR B 151 19.35 -7.84 2.76
CA TYR B 151 18.20 -8.65 3.18
C TYR B 151 17.32 -9.04 2.01
N THR B 152 17.92 -9.33 0.86
CA THR B 152 17.13 -9.69 -0.30
C THR B 152 16.43 -11.03 -0.09
N HIS B 153 17.12 -11.96 0.55
CA HIS B 153 16.56 -13.27 0.85
C HIS B 153 15.47 -13.11 1.90
N TYR B 154 15.78 -12.36 2.95
CA TYR B 154 14.86 -12.14 4.06
C TYR B 154 13.58 -11.41 3.68
N ILE B 155 13.72 -10.25 3.04
CA ILE B 155 12.55 -9.46 2.65
C ILE B 155 11.71 -10.18 1.59
N SER B 156 12.32 -11.05 0.80
CA SER B 156 11.56 -11.80 -0.18
C SER B 156 10.63 -12.80 0.52
N THR B 157 11.11 -13.40 1.61
CA THR B 157 10.27 -14.34 2.36
C THR B 157 9.22 -13.58 3.16
N LYS B 158 9.60 -12.44 3.73
CA LYS B 158 8.66 -11.64 4.50
C LYS B 158 7.51 -11.20 3.59
N ALA B 159 7.83 -10.92 2.33
CA ALA B 159 6.82 -10.52 1.36
C ALA B 159 5.93 -11.73 1.06
N ALA B 160 6.56 -12.90 0.87
CA ALA B 160 5.81 -14.11 0.60
C ALA B 160 4.83 -14.37 1.75
N ASN B 161 5.27 -14.11 2.99
CA ASN B 161 4.40 -14.32 4.14
C ASN B 161 3.10 -13.53 4.00
N ILE B 162 3.20 -12.32 3.46
CA ILE B 162 2.02 -11.46 3.27
C ILE B 162 1.17 -12.02 2.13
N GLY B 163 1.83 -12.48 1.07
CA GLY B 163 1.10 -13.05 -0.04
C GLY B 163 0.33 -14.25 0.46
N PHE B 164 1.00 -15.08 1.25
CA PHE B 164 0.41 -16.28 1.82
C PHE B 164 -0.80 -15.90 2.67
N THR B 165 -0.65 -14.84 3.46
CA THR B 165 -1.72 -14.35 4.33
C THR B 165 -2.95 -13.95 3.53
N ARG B 166 -2.74 -13.09 2.53
CA ARG B 166 -3.83 -12.61 1.69
C ARG B 166 -4.54 -13.72 0.93
N ALA B 167 -3.76 -14.59 0.28
CA ALA B 167 -4.34 -15.69 -0.50
C ALA B 167 -5.03 -16.75 0.34
N LEU B 168 -4.39 -17.16 1.44
CA LEU B 168 -5.00 -18.18 2.29
C LEU B 168 -6.28 -17.61 2.91
N ALA B 169 -6.26 -16.32 3.25
CA ALA B 169 -7.44 -15.67 3.82
C ALA B 169 -8.63 -15.87 2.88
N SER B 170 -8.39 -15.74 1.59
CA SER B 170 -9.44 -15.91 0.59
C SER B 170 -9.93 -17.36 0.52
N ASP B 171 -8.99 -18.31 0.59
CA ASP B 171 -9.37 -19.72 0.52
C ASP B 171 -10.18 -20.21 1.72
N LEU B 172 -9.87 -19.68 2.90
CA LEU B 172 -10.54 -20.12 4.12
C LEU B 172 -11.61 -19.19 4.71
N GLY B 173 -11.83 -18.05 4.07
CA GLY B 173 -12.81 -17.10 4.58
C GLY B 173 -14.21 -17.64 4.86
N LYS B 174 -14.62 -18.65 4.09
CA LYS B 174 -15.96 -19.21 4.27
C LYS B 174 -16.00 -20.32 5.32
N ASP B 175 -14.83 -20.72 5.81
CA ASP B 175 -14.76 -21.78 6.81
C ASP B 175 -14.71 -21.26 8.26
N GLY B 176 -14.92 -19.96 8.43
CA GLY B 176 -14.89 -19.38 9.76
C GLY B 176 -13.47 -19.15 10.27
N ILE B 177 -12.50 -19.20 9.35
CA ILE B 177 -11.10 -18.99 9.70
C ILE B 177 -10.60 -17.68 9.11
N THR B 178 -9.94 -16.87 9.93
CA THR B 178 -9.37 -15.61 9.43
C THR B 178 -7.86 -15.81 9.37
N VAL B 179 -7.23 -15.13 8.42
CA VAL B 179 -5.77 -15.24 8.27
C VAL B 179 -5.23 -13.82 8.19
N ASN B 180 -4.42 -13.43 9.17
CA ASN B 180 -3.83 -12.10 9.21
C ASN B 180 -2.34 -12.17 9.52
N ALA B 181 -1.67 -11.04 9.34
CA ALA B 181 -0.23 -10.96 9.60
C ALA B 181 0.08 -9.76 10.47
N ILE B 182 1.16 -9.89 11.25
CA ILE B 182 1.62 -8.80 12.11
C ILE B 182 3.04 -8.45 11.66
N ALA B 183 3.30 -7.16 11.49
CA ALA B 183 4.62 -6.72 11.04
C ALA B 183 5.36 -5.89 12.09
N PRO B 184 6.26 -6.53 12.82
CA PRO B 184 7.05 -5.84 13.86
C PRO B 184 8.26 -5.27 13.14
N SER B 185 8.94 -4.29 13.73
CA SER B 185 10.14 -3.77 13.09
C SER B 185 11.25 -4.77 13.36
N LEU B 186 12.35 -4.67 12.63
CA LEU B 186 13.46 -5.59 12.82
C LEU B 186 14.34 -5.08 13.96
N VAL B 187 14.65 -5.95 14.92
CA VAL B 187 15.48 -5.55 16.05
C VAL B 187 16.48 -6.67 16.37
N MET B 207 13.87 8.35 15.98
CA MET B 207 14.07 9.35 14.93
C MET B 207 13.16 9.05 13.75
N LEU B 208 13.22 7.83 13.24
CA LEU B 208 12.40 7.42 12.11
C LEU B 208 10.99 7.01 12.58
N GLN B 209 10.86 6.75 13.88
CA GLN B 209 9.58 6.35 14.46
C GLN B 209 8.83 7.59 14.96
N ALA B 210 7.51 7.49 15.05
CA ALA B 210 6.70 8.59 15.55
C ALA B 210 6.79 8.51 17.08
N ILE B 211 6.80 7.28 17.58
CA ILE B 211 6.92 7.04 19.02
C ILE B 211 8.41 6.76 19.24
N PRO B 212 9.11 7.71 19.88
CA PRO B 212 10.54 7.67 20.20
C PRO B 212 11.01 6.74 21.32
N ARG B 213 10.87 5.44 21.12
CA ARG B 213 11.33 4.46 22.10
C ARG B 213 11.46 3.12 21.39
N LEU B 214 12.35 2.27 21.89
CA LEU B 214 12.55 0.97 21.29
C LEU B 214 11.37 0.01 21.49
N GLN B 215 11.14 -0.81 20.48
CA GLN B 215 10.08 -1.79 20.50
C GLN B 215 10.50 -2.94 21.39
N VAL B 216 9.54 -3.46 22.16
CA VAL B 216 9.79 -4.59 23.04
C VAL B 216 8.72 -5.64 22.72
N PRO B 217 9.04 -6.92 22.95
CA PRO B 217 8.10 -8.03 22.67
C PRO B 217 6.67 -7.75 23.11
N LEU B 218 6.50 -7.12 24.26
CA LEU B 218 5.17 -6.83 24.76
C LEU B 218 4.36 -5.87 23.89
N ASP B 219 5.02 -5.09 23.03
CA ASP B 219 4.30 -4.16 22.16
C ASP B 219 3.46 -4.87 21.12
N LEU B 220 3.82 -6.12 20.82
CA LEU B 220 3.13 -6.93 19.81
C LEU B 220 2.04 -7.87 20.32
N THR B 221 2.04 -8.16 21.61
CA THR B 221 1.06 -9.10 22.15
C THR B 221 -0.39 -8.62 22.08
N GLY B 222 -0.62 -7.33 22.24
CA GLY B 222 -1.97 -6.81 22.18
C GLY B 222 -2.59 -7.09 20.82
N ALA B 223 -1.85 -6.79 19.75
CA ALA B 223 -2.34 -7.02 18.39
C ALA B 223 -2.64 -8.49 18.15
N ALA B 224 -1.73 -9.36 18.59
CA ALA B 224 -1.91 -10.79 18.41
C ALA B 224 -3.17 -11.30 19.13
N ALA B 225 -3.36 -10.88 20.38
CA ALA B 225 -4.52 -11.31 21.15
C ALA B 225 -5.79 -10.78 20.49
N PHE B 226 -5.70 -9.57 19.96
CA PHE B 226 -6.84 -8.96 19.27
C PHE B 226 -7.23 -9.79 18.05
N LEU B 227 -6.28 -10.03 17.15
CA LEU B 227 -6.55 -10.80 15.93
C LEU B 227 -7.03 -12.22 16.21
N ALA B 228 -6.61 -12.78 17.33
CA ALA B 228 -6.96 -14.13 17.71
C ALA B 228 -8.33 -14.24 18.38
N SER B 229 -8.95 -13.10 18.69
CA SER B 229 -10.24 -13.09 19.37
C SER B 229 -11.44 -12.80 18.46
N ASP B 230 -12.62 -12.80 19.08
CA ASP B 230 -13.88 -12.52 18.37
C ASP B 230 -13.98 -11.05 18.01
N ASP B 231 -13.12 -10.21 18.59
CA ASP B 231 -13.15 -8.78 18.27
C ASP B 231 -12.67 -8.53 16.86
N ALA B 232 -12.07 -9.54 16.22
CA ALA B 232 -11.53 -9.40 14.87
C ALA B 232 -12.05 -10.47 13.91
N SER B 233 -13.25 -10.99 14.18
CA SER B 233 -13.82 -12.03 13.33
C SER B 233 -14.12 -11.57 11.91
N PHE B 234 -14.23 -10.27 11.69
CA PHE B 234 -14.51 -9.75 10.34
C PHE B 234 -13.26 -9.18 9.67
N ILE B 235 -12.12 -9.37 10.32
CA ILE B 235 -10.85 -8.88 9.79
C ILE B 235 -10.03 -10.05 9.26
N THR B 236 -9.76 -10.07 7.96
CA THR B 236 -8.98 -11.16 7.39
C THR B 236 -8.19 -10.75 6.15
N GLY B 237 -7.02 -11.36 5.97
CA GLY B 237 -6.18 -11.03 4.83
C GLY B 237 -5.40 -9.72 5.02
N GLN B 238 -5.47 -9.16 6.22
CA GLN B 238 -4.80 -7.89 6.54
C GLN B 238 -3.41 -8.04 7.16
N THR B 239 -2.62 -6.97 7.05
CA THR B 239 -1.29 -6.93 7.62
C THR B 239 -1.24 -5.73 8.57
N LEU B 240 -0.98 -5.99 9.85
CA LEU B 240 -0.92 -4.92 10.85
C LEU B 240 0.50 -4.60 11.27
N ALA B 241 0.93 -3.37 11.05
CA ALA B 241 2.27 -2.94 11.42
C ALA B 241 2.30 -2.39 12.85
N VAL B 242 3.19 -2.92 13.67
CA VAL B 242 3.34 -2.49 15.05
C VAL B 242 4.81 -2.11 15.17
N ASP B 243 5.10 -0.84 14.87
CA ASP B 243 6.48 -0.39 14.86
C ASP B 243 6.68 1.04 15.35
N GLY B 244 5.74 1.53 16.17
CA GLY B 244 5.89 2.89 16.68
C GLY B 244 5.62 3.96 15.63
N GLY B 245 4.91 3.59 14.57
CA GLY B 245 4.58 4.57 13.54
C GLY B 245 5.68 4.94 12.57
N MET B 246 6.53 4.00 12.19
CA MET B 246 7.56 4.30 11.22
C MET B 246 6.98 4.11 9.81
N VAL B 247 6.58 2.88 9.48
CA VAL B 247 5.99 2.65 8.16
C VAL B 247 4.51 3.03 8.14
N ARG B 248 4.03 3.37 6.96
CA ARG B 248 2.63 3.72 6.75
C ARG B 248 2.24 3.01 5.45
N HIS B 249 1.11 2.32 5.45
CA HIS B 249 0.68 1.60 4.26
C HIS B 249 -0.82 1.40 4.25
N GLN C 3 15.38 5.28 -30.42
CA GLN C 3 15.82 4.00 -29.80
C GLN C 3 16.51 4.20 -28.45
N ARG C 4 15.71 4.12 -27.39
CA ARG C 4 16.20 4.31 -26.03
C ARG C 4 17.08 3.18 -25.49
N LEU C 5 17.01 2.01 -26.11
CA LEU C 5 17.81 0.88 -25.65
C LEU C 5 18.93 0.49 -26.60
N LYS C 6 19.43 1.44 -27.37
CA LYS C 6 20.50 1.16 -28.32
C LYS C 6 21.73 0.60 -27.60
N ASP C 7 22.39 -0.35 -28.26
CA ASP C 7 23.59 -1.00 -27.73
C ASP C 7 23.42 -1.66 -26.39
N LYS C 8 22.22 -2.15 -26.11
CA LYS C 8 21.96 -2.83 -24.85
C LYS C 8 21.58 -4.27 -25.17
N LEU C 9 21.94 -5.20 -24.27
CA LEU C 9 21.59 -6.60 -24.46
C LEU C 9 20.57 -6.94 -23.39
N ALA C 10 19.36 -7.30 -23.80
CA ALA C 10 18.31 -7.64 -22.86
C ALA C 10 17.99 -9.13 -22.83
N VAL C 11 17.82 -9.65 -21.61
CA VAL C 11 17.48 -11.04 -21.41
C VAL C 11 16.03 -11.10 -20.95
N ILE C 12 15.25 -12.00 -21.55
CA ILE C 12 13.84 -12.16 -21.17
C ILE C 12 13.58 -13.64 -20.94
N THR C 13 13.22 -14.02 -19.72
CA THR C 13 12.93 -15.41 -19.43
C THR C 13 11.48 -15.68 -19.79
N GLY C 14 11.21 -16.88 -20.33
CA GLY C 14 9.86 -17.21 -20.74
C GLY C 14 9.49 -16.24 -21.86
N GLY C 15 10.47 -15.87 -22.67
CA GLY C 15 10.23 -14.92 -23.74
C GLY C 15 9.82 -15.50 -25.09
N ALA C 16 9.54 -16.80 -25.13
CA ALA C 16 9.14 -17.46 -26.37
C ALA C 16 7.72 -17.09 -26.78
N ASN C 17 6.88 -16.78 -25.80
CA ASN C 17 5.48 -16.43 -26.08
C ASN C 17 4.92 -15.37 -25.13
N GLY C 18 3.64 -15.05 -25.31
CA GLY C 18 2.95 -14.08 -24.48
C GLY C 18 3.65 -12.78 -24.16
N ILE C 19 3.47 -12.33 -22.92
CA ILE C 19 4.05 -11.08 -22.46
C ILE C 19 5.57 -11.08 -22.63
N GLY C 20 6.20 -12.21 -22.31
CA GLY C 20 7.64 -12.30 -22.45
C GLY C 20 8.10 -11.90 -23.84
N ARG C 21 7.51 -12.52 -24.85
CA ARG C 21 7.86 -12.21 -26.23
C ARG C 21 7.55 -10.77 -26.60
N ALA C 22 6.39 -10.28 -26.17
CA ALA C 22 5.99 -8.91 -26.48
C ALA C 22 7.03 -7.92 -25.99
N ILE C 23 7.55 -8.15 -24.78
CA ILE C 23 8.55 -7.26 -24.21
C ILE C 23 9.86 -7.38 -24.98
N ALA C 24 10.21 -8.61 -25.37
CA ALA C 24 11.43 -8.87 -26.12
C ALA C 24 11.43 -8.08 -27.43
N GLU C 25 10.34 -8.17 -28.18
CA GLU C 25 10.25 -7.46 -29.45
C GLU C 25 10.25 -5.95 -29.26
N ARG C 26 9.50 -5.46 -28.26
CA ARG C 26 9.46 -4.03 -28.00
C ARG C 26 10.87 -3.50 -27.71
N PHE C 27 11.64 -4.25 -26.93
CA PHE C 27 12.99 -3.84 -26.61
C PHE C 27 13.85 -3.86 -27.89
N ALA C 28 13.62 -4.86 -28.74
CA ALA C 28 14.37 -4.96 -29.99
C ALA C 28 14.04 -3.73 -30.85
N VAL C 29 12.76 -3.37 -30.90
CA VAL C 29 12.33 -2.21 -31.67
C VAL C 29 13.06 -0.97 -31.16
N GLU C 30 13.34 -0.95 -29.87
CA GLU C 30 14.01 0.19 -29.25
C GLU C 30 15.53 0.13 -29.34
N GLY C 31 16.05 -0.82 -30.12
CA GLY C 31 17.48 -0.91 -30.32
C GLY C 31 18.28 -1.93 -29.54
N ALA C 32 17.62 -2.81 -28.80
CA ALA C 32 18.34 -3.79 -28.00
C ALA C 32 18.44 -5.18 -28.63
N ASP C 33 19.58 -5.83 -28.42
CA ASP C 33 19.78 -7.18 -28.91
C ASP C 33 19.10 -8.06 -27.86
N ILE C 34 18.72 -9.27 -28.25
CA ILE C 34 17.97 -10.14 -27.36
C ILE C 34 18.52 -11.53 -27.07
N ALA C 35 18.31 -11.98 -25.84
CA ALA C 35 18.71 -13.31 -25.38
C ALA C 35 17.49 -13.85 -24.64
N ILE C 36 16.93 -14.93 -25.15
CA ILE C 36 15.74 -15.54 -24.57
C ILE C 36 16.04 -16.90 -23.94
N ALA C 37 15.46 -17.12 -22.76
CA ALA C 37 15.62 -18.37 -22.04
C ALA C 37 14.21 -18.93 -21.87
N ASP C 38 14.00 -20.16 -22.32
CA ASP C 38 12.67 -20.77 -22.21
C ASP C 38 12.79 -22.28 -22.40
N LEU C 39 11.71 -22.99 -22.09
CA LEU C 39 11.68 -24.44 -22.24
C LEU C 39 11.50 -24.78 -23.73
N VAL C 40 10.61 -24.05 -24.39
CA VAL C 40 10.32 -24.28 -25.79
C VAL C 40 11.06 -23.32 -26.72
N PRO C 41 11.22 -23.71 -28.00
CA PRO C 41 11.92 -22.90 -28.99
C PRO C 41 11.16 -21.59 -29.24
N ALA C 42 11.88 -20.56 -29.69
CA ALA C 42 11.26 -19.28 -29.96
C ALA C 42 11.55 -18.84 -31.38
N PRO C 43 11.10 -19.62 -32.38
CA PRO C 43 11.33 -19.28 -33.78
C PRO C 43 10.65 -17.98 -34.21
N GLU C 44 9.41 -17.77 -33.78
CA GLU C 44 8.68 -16.55 -34.14
C GLU C 44 9.39 -15.31 -33.62
N ALA C 45 9.66 -15.29 -32.32
CA ALA C 45 10.35 -14.15 -31.70
C ALA C 45 11.66 -13.89 -32.41
N GLU C 46 12.39 -14.96 -32.72
CA GLU C 46 13.68 -14.86 -33.38
C GLU C 46 13.60 -14.21 -34.76
N ALA C 47 12.63 -14.62 -35.58
CA ALA C 47 12.47 -14.04 -36.90
C ALA C 47 12.04 -12.58 -36.86
N ALA C 48 11.12 -12.25 -35.95
CA ALA C 48 10.63 -10.89 -35.81
C ALA C 48 11.73 -9.96 -35.36
N ILE C 49 12.54 -10.44 -34.41
CA ILE C 49 13.63 -9.65 -33.87
C ILE C 49 14.71 -9.43 -34.93
N ARG C 50 15.07 -10.47 -35.66
CA ARG C 50 16.08 -10.34 -36.70
C ARG C 50 15.56 -9.45 -37.82
N ASN C 51 14.26 -9.51 -38.09
CA ASN C 51 13.69 -8.68 -39.14
C ASN C 51 13.82 -7.21 -38.75
N LEU C 52 14.08 -6.96 -37.47
CA LEU C 52 14.24 -5.59 -36.99
C LEU C 52 15.72 -5.19 -37.06
N GLY C 53 16.56 -6.11 -37.52
CA GLY C 53 17.98 -5.83 -37.62
C GLY C 53 18.73 -6.02 -36.31
N ARG C 54 18.09 -6.67 -35.35
CA ARG C 54 18.68 -6.92 -34.05
C ARG C 54 19.28 -8.33 -33.97
N ARG C 55 20.21 -8.53 -33.04
CA ARG C 55 20.82 -9.82 -32.84
C ARG C 55 19.96 -10.54 -31.81
N VAL C 56 19.85 -11.86 -31.93
CA VAL C 56 19.03 -12.63 -31.00
C VAL C 56 19.55 -14.05 -30.76
N LEU C 57 19.46 -14.46 -29.50
CA LEU C 57 19.89 -15.80 -29.10
C LEU C 57 18.78 -16.44 -28.27
N THR C 58 18.42 -17.67 -28.61
CA THR C 58 17.39 -18.41 -27.89
C THR C 58 18.03 -19.66 -27.31
N VAL C 59 17.76 -19.92 -26.04
CA VAL C 59 18.33 -21.09 -25.38
C VAL C 59 17.25 -21.90 -24.69
N LYS C 60 17.29 -23.22 -24.89
CA LYS C 60 16.33 -24.10 -24.24
C LYS C 60 16.89 -24.22 -22.84
N CYS C 61 16.11 -23.80 -21.85
CA CYS C 61 16.58 -23.79 -20.49
C CYS C 61 15.44 -23.86 -19.48
N ASP C 62 15.67 -24.54 -18.35
CA ASP C 62 14.69 -24.62 -17.29
C ASP C 62 15.20 -23.59 -16.30
N VAL C 63 14.64 -22.38 -16.35
CA VAL C 63 15.06 -21.28 -15.49
C VAL C 63 15.00 -21.52 -13.98
N SER C 64 14.40 -22.63 -13.56
CA SER C 64 14.33 -22.93 -12.12
C SER C 64 15.54 -23.73 -11.65
N GLN C 65 16.28 -24.31 -12.60
CA GLN C 65 17.45 -25.12 -12.29
C GLN C 65 18.75 -24.32 -12.33
N PRO C 66 19.48 -24.28 -11.19
CA PRO C 66 20.74 -23.55 -11.08
C PRO C 66 21.72 -23.90 -12.21
N GLY C 67 21.76 -25.18 -12.56
CA GLY C 67 22.66 -25.63 -13.62
C GLY C 67 22.35 -25.00 -14.95
N ASP C 68 21.08 -24.99 -15.34
CA ASP C 68 20.66 -24.41 -16.61
C ASP C 68 20.88 -22.91 -16.65
N VAL C 69 20.61 -22.24 -15.53
CA VAL C 69 20.76 -20.79 -15.49
C VAL C 69 22.23 -20.40 -15.55
N GLU C 70 23.11 -21.17 -14.91
CA GLU C 70 24.53 -20.87 -14.94
C GLU C 70 25.06 -21.05 -16.36
N ALA C 71 24.63 -22.11 -17.03
CA ALA C 71 25.06 -22.37 -18.40
C ALA C 71 24.50 -21.29 -19.32
N PHE C 72 23.25 -20.89 -19.10
CA PHE C 72 22.62 -19.86 -19.91
C PHE C 72 23.42 -18.57 -19.75
N GLY C 73 23.77 -18.24 -18.51
CA GLY C 73 24.52 -17.03 -18.24
C GLY C 73 25.87 -17.03 -18.94
N LYS C 74 26.60 -18.13 -18.82
CA LYS C 74 27.90 -18.22 -19.46
C LYS C 74 27.73 -17.99 -20.96
N GLN C 75 26.77 -18.69 -21.54
CA GLN C 75 26.50 -18.56 -22.97
C GLN C 75 26.21 -17.13 -23.39
N VAL C 76 25.27 -16.48 -22.70
CA VAL C 76 24.92 -15.10 -23.03
C VAL C 76 26.14 -14.17 -22.91
N ILE C 77 26.99 -14.41 -21.92
CA ILE C 77 28.19 -13.60 -21.72
C ILE C 77 29.22 -13.85 -22.83
N SER C 78 29.35 -15.11 -23.25
CA SER C 78 30.29 -15.45 -24.32
C SER C 78 29.85 -14.84 -25.65
N THR C 79 28.55 -14.79 -25.86
CA THR C 79 27.99 -14.26 -27.10
C THR C 79 27.93 -12.74 -27.19
N PHE C 80 27.25 -12.10 -26.24
CA PHE C 80 27.11 -10.66 -26.27
C PHE C 80 28.06 -9.93 -25.32
N GLY C 81 28.75 -10.70 -24.49
CA GLY C 81 29.70 -10.09 -23.56
C GLY C 81 29.11 -9.60 -22.25
N ARG C 82 27.83 -9.24 -22.25
CA ARG C 82 27.20 -8.72 -21.05
C ARG C 82 25.70 -8.51 -21.20
N CYS C 83 24.99 -8.61 -20.09
CA CYS C 83 23.55 -8.39 -20.08
C CYS C 83 23.27 -7.09 -19.36
N ASP C 84 22.66 -6.14 -20.05
CA ASP C 84 22.35 -4.84 -19.47
C ASP C 84 20.96 -4.78 -18.86
N ILE C 85 20.05 -5.55 -19.43
CA ILE C 85 18.66 -5.58 -19.01
C ILE C 85 18.20 -7.01 -18.77
N LEU C 86 17.65 -7.27 -17.58
CA LEU C 86 17.15 -8.59 -17.23
C LEU C 86 15.66 -8.52 -16.90
N VAL C 87 14.85 -9.23 -17.67
CA VAL C 87 13.40 -9.26 -17.45
C VAL C 87 13.01 -10.66 -16.98
N ASN C 88 12.68 -10.78 -15.69
CA ASN C 88 12.26 -12.06 -15.12
C ASN C 88 10.77 -12.17 -15.34
N ASN C 89 10.41 -12.80 -16.46
CA ASN C 89 9.02 -12.96 -16.84
C ASN C 89 8.51 -14.40 -16.64
N ALA C 90 9.43 -15.36 -16.68
CA ALA C 90 9.07 -16.77 -16.52
C ALA C 90 8.22 -17.03 -15.26
N GLY C 91 7.18 -17.82 -15.41
CA GLY C 91 6.32 -18.15 -14.28
C GLY C 91 5.11 -19.00 -14.65
N ILE C 92 4.60 -19.76 -13.68
CA ILE C 92 3.42 -20.61 -13.90
C ILE C 92 2.33 -20.12 -12.96
N TYR C 93 1.08 -20.42 -13.28
CA TYR C 93 -0.04 -19.97 -12.45
C TYR C 93 -1.23 -20.93 -12.41
N PRO C 94 -0.97 -22.20 -12.08
CA PRO C 94 -2.05 -23.18 -12.03
C PRO C 94 -3.06 -22.91 -10.90
N LEU C 95 -4.34 -23.09 -11.22
CA LEU C 95 -5.43 -22.90 -10.26
C LEU C 95 -5.46 -24.16 -9.40
N ILE C 96 -5.26 -24.02 -8.09
CA ILE C 96 -5.26 -25.17 -7.18
C ILE C 96 -5.90 -24.91 -5.82
N PRO C 97 -7.08 -25.50 -5.57
CA PRO C 97 -7.77 -25.32 -4.28
C PRO C 97 -6.81 -25.70 -3.16
N PHE C 98 -6.85 -24.97 -2.05
CA PHE C 98 -5.94 -25.23 -0.95
C PHE C 98 -5.92 -26.67 -0.41
N ASP C 99 -7.08 -27.30 -0.27
CA ASP C 99 -7.08 -28.65 0.28
C ASP C 99 -6.50 -29.68 -0.69
N GLU C 100 -6.24 -29.26 -1.92
CA GLU C 100 -5.65 -30.15 -2.91
C GLU C 100 -4.20 -29.78 -3.20
N LEU C 101 -3.79 -28.61 -2.71
CA LEU C 101 -2.43 -28.13 -2.90
C LEU C 101 -1.41 -28.93 -2.09
N THR C 102 -0.49 -29.60 -2.78
CA THR C 102 0.52 -30.41 -2.11
C THR C 102 1.81 -29.61 -1.91
N PHE C 103 2.64 -30.04 -0.96
CA PHE C 103 3.89 -29.36 -0.69
C PHE C 103 4.76 -29.38 -1.96
N GLU C 104 4.65 -30.46 -2.72
CA GLU C 104 5.39 -30.61 -3.96
C GLU C 104 4.99 -29.56 -4.99
N GLN C 105 3.69 -29.31 -5.12
CA GLN C 105 3.19 -28.32 -6.07
C GLN C 105 3.59 -26.92 -5.59
N TRP C 106 3.48 -26.72 -4.28
CA TRP C 106 3.84 -25.46 -3.63
C TRP C 106 5.32 -25.17 -3.91
N LYS C 107 6.17 -26.14 -3.64
CA LYS C 107 7.61 -25.99 -3.86
C LYS C 107 7.95 -25.74 -5.34
N LYS C 108 7.30 -26.50 -6.22
CA LYS C 108 7.55 -26.35 -7.65
C LYS C 108 7.22 -24.94 -8.12
N THR C 109 6.13 -24.38 -7.57
CA THR C 109 5.71 -23.04 -7.94
C THR C 109 6.77 -22.01 -7.54
N PHE C 110 7.38 -22.18 -6.38
CA PHE C 110 8.41 -21.25 -5.94
C PHE C 110 9.68 -21.39 -6.78
N GLU C 111 10.03 -22.62 -7.15
CA GLU C 111 11.22 -22.86 -7.94
C GLU C 111 11.14 -22.14 -9.29
N ILE C 112 10.00 -22.24 -9.95
CA ILE C 112 9.81 -21.59 -11.23
C ILE C 112 9.58 -20.09 -11.12
N ASN C 113 8.67 -19.69 -10.23
CA ASN C 113 8.32 -18.28 -10.08
C ASN C 113 9.28 -17.38 -9.29
N VAL C 114 9.99 -17.94 -8.33
CA VAL C 114 10.88 -17.12 -7.50
C VAL C 114 12.37 -17.40 -7.65
N ASP C 115 12.76 -18.67 -7.55
CA ASP C 115 14.18 -19.02 -7.66
C ASP C 115 14.81 -18.54 -8.97
N SER C 116 14.06 -18.65 -10.06
CA SER C 116 14.55 -18.25 -11.38
C SER C 116 15.03 -16.80 -11.41
N GLY C 117 14.27 -15.91 -10.78
CA GLY C 117 14.66 -14.51 -10.76
C GLY C 117 15.94 -14.31 -9.97
N PHE C 118 16.08 -15.06 -8.88
CA PHE C 118 17.29 -14.98 -8.06
C PHE C 118 18.49 -15.51 -8.84
N LEU C 119 18.32 -16.70 -9.43
CA LEU C 119 19.39 -17.32 -10.20
C LEU C 119 19.83 -16.44 -11.36
N MET C 120 18.87 -15.85 -12.06
CA MET C 120 19.19 -14.98 -13.19
C MET C 120 19.94 -13.73 -12.72
N ALA C 121 19.54 -13.18 -11.58
CA ALA C 121 20.20 -11.99 -11.05
C ALA C 121 21.65 -12.31 -10.70
N LYS C 122 21.87 -13.44 -10.06
CA LYS C 122 23.22 -13.85 -9.69
C LYS C 122 24.10 -13.96 -10.92
N ALA C 123 23.52 -14.41 -12.03
CA ALA C 123 24.29 -14.56 -13.26
C ALA C 123 24.61 -13.26 -13.97
N PHE C 124 23.70 -12.30 -13.94
CA PHE C 124 23.92 -11.05 -14.66
C PHE C 124 24.20 -9.76 -13.89
N VAL C 125 23.93 -9.74 -12.59
CA VAL C 125 24.20 -8.52 -11.83
C VAL C 125 25.70 -8.17 -11.85
N PRO C 126 26.58 -9.17 -11.74
CA PRO C 126 28.02 -8.88 -11.75
C PRO C 126 28.42 -8.04 -12.97
N GLY C 127 27.95 -8.46 -14.14
CA GLY C 127 28.26 -7.72 -15.35
C GLY C 127 27.69 -6.32 -15.30
N MET C 128 26.48 -6.18 -14.75
CA MET C 128 25.86 -4.85 -14.64
C MET C 128 26.66 -3.95 -13.71
N LYS C 129 27.04 -4.48 -12.55
CA LYS C 129 27.82 -3.70 -11.59
C LYS C 129 29.12 -3.20 -12.21
N ARG C 130 29.84 -4.09 -12.89
CA ARG C 130 31.10 -3.70 -13.52
C ARG C 130 30.91 -2.55 -14.49
N ASN C 131 29.83 -2.60 -15.26
CA ASN C 131 29.56 -1.56 -16.23
C ASN C 131 28.91 -0.32 -15.63
N GLY C 132 28.53 -0.37 -14.35
CA GLY C 132 27.89 0.78 -13.72
C GLY C 132 26.51 1.16 -14.24
N TRP C 133 25.79 0.20 -14.82
CA TRP C 133 24.45 0.47 -15.33
C TRP C 133 23.72 -0.84 -15.52
N GLY C 134 22.45 -0.86 -15.15
CA GLY C 134 21.67 -2.07 -15.29
C GLY C 134 20.19 -1.88 -15.02
N ARG C 135 19.39 -2.84 -15.47
CA ARG C 135 17.95 -2.80 -15.27
C ARG C 135 17.44 -4.21 -15.05
N ILE C 136 16.65 -4.38 -14.00
CA ILE C 136 16.06 -5.68 -13.72
C ILE C 136 14.57 -5.39 -13.55
N ILE C 137 13.74 -6.12 -14.29
CA ILE C 137 12.31 -5.95 -14.22
C ILE C 137 11.69 -7.30 -13.90
N ASN C 138 10.95 -7.36 -12.81
CA ASN C 138 10.30 -8.59 -12.37
C ASN C 138 8.82 -8.54 -12.66
N LEU C 139 8.27 -9.63 -13.17
CA LEU C 139 6.84 -9.68 -13.44
C LEU C 139 6.11 -10.24 -12.23
N THR C 140 5.18 -9.47 -11.68
CA THR C 140 4.39 -9.94 -10.56
C THR C 140 2.93 -9.99 -11.03
N SER C 141 1.97 -9.85 -10.14
CA SER C 141 0.57 -9.93 -10.55
C SER C 141 -0.37 -9.14 -9.65
N THR C 142 -1.41 -8.56 -10.23
CA THR C 142 -2.36 -7.78 -9.44
C THR C 142 -3.17 -8.67 -8.48
N THR C 143 -3.12 -9.99 -8.69
CA THR C 143 -3.85 -10.89 -7.79
C THR C 143 -3.31 -10.70 -6.38
N TYR C 144 -2.11 -10.11 -6.28
CA TYR C 144 -1.49 -9.84 -5.00
C TYR C 144 -2.38 -8.97 -4.11
N TRP C 145 -3.17 -8.09 -4.74
CA TRP C 145 -4.07 -7.20 -4.01
C TRP C 145 -5.53 -7.61 -4.12
N LEU C 146 -5.79 -8.79 -4.69
CA LEU C 146 -7.18 -9.20 -4.87
C LEU C 146 -7.61 -10.43 -4.09
N LYS C 147 -8.89 -10.47 -3.76
CA LYS C 147 -9.46 -11.62 -3.07
C LYS C 147 -9.79 -12.62 -4.17
N ILE C 148 -9.06 -13.73 -4.21
CA ILE C 148 -9.28 -14.76 -5.22
C ILE C 148 -8.80 -16.09 -4.67
N GLU C 149 -9.65 -17.11 -4.82
CA GLU C 149 -9.36 -18.44 -4.30
C GLU C 149 -8.55 -19.35 -5.20
N ALA C 150 -7.96 -20.37 -4.59
CA ALA C 150 -7.17 -21.36 -5.29
C ALA C 150 -5.84 -20.87 -5.88
N TYR C 151 -5.25 -19.85 -5.25
CA TYR C 151 -3.97 -19.31 -5.71
C TYR C 151 -3.03 -19.01 -4.56
N THR C 152 -3.14 -19.76 -3.47
CA THR C 152 -2.29 -19.53 -2.31
C THR C 152 -0.81 -19.67 -2.66
N HIS C 153 -0.48 -20.71 -3.43
CA HIS C 153 0.90 -20.94 -3.86
C HIS C 153 1.32 -19.82 -4.82
N TYR C 154 0.47 -19.53 -5.80
CA TYR C 154 0.75 -18.50 -6.79
C TYR C 154 0.92 -17.09 -6.22
N ILE C 155 -0.04 -16.64 -5.43
CA ILE C 155 0.04 -15.31 -4.85
C ILE C 155 1.20 -15.17 -3.87
N SER C 156 1.54 -16.26 -3.20
CA SER C 156 2.67 -16.23 -2.28
C SER C 156 3.95 -15.92 -3.08
N THR C 157 4.09 -16.56 -4.25
CA THR C 157 5.29 -16.33 -5.07
C THR C 157 5.27 -14.94 -5.68
N LYS C 158 4.10 -14.49 -6.11
CA LYS C 158 3.97 -13.16 -6.70
C LYS C 158 4.34 -12.09 -5.67
N ALA C 159 3.99 -12.33 -4.41
CA ALA C 159 4.32 -11.38 -3.36
C ALA C 159 5.84 -11.43 -3.17
N ALA C 160 6.40 -12.64 -3.23
CA ALA C 160 7.84 -12.81 -3.09
C ALA C 160 8.56 -11.99 -4.17
N ASN C 161 7.99 -11.97 -5.37
CA ASN C 161 8.58 -11.21 -6.47
C ASN C 161 8.68 -9.73 -6.10
N ILE C 162 7.68 -9.22 -5.39
CA ILE C 162 7.70 -7.81 -5.00
C ILE C 162 8.75 -7.56 -3.92
N GLY C 163 8.83 -8.47 -2.95
CA GLY C 163 9.83 -8.33 -1.91
C GLY C 163 11.22 -8.38 -2.53
N PHE C 164 11.41 -9.31 -3.46
CA PHE C 164 12.68 -9.47 -4.18
C PHE C 164 13.02 -8.15 -4.87
N THR C 165 12.04 -7.57 -5.55
CA THR C 165 12.20 -6.30 -6.25
C THR C 165 12.65 -5.19 -5.30
N ARG C 166 11.91 -5.01 -4.21
CA ARG C 166 12.23 -3.96 -3.24
C ARG C 166 13.60 -4.15 -2.58
N ALA C 167 13.87 -5.37 -2.11
CA ALA C 167 15.13 -5.65 -1.44
C ALA C 167 16.33 -5.56 -2.38
N LEU C 168 16.25 -6.19 -3.55
CA LEU C 168 17.37 -6.14 -4.49
C LEU C 168 17.64 -4.71 -4.95
N ALA C 169 16.59 -3.91 -5.06
CA ALA C 169 16.73 -2.51 -5.45
C ALA C 169 17.61 -1.79 -4.43
N SER C 170 17.37 -2.08 -3.15
CA SER C 170 18.16 -1.48 -2.09
C SER C 170 19.62 -1.90 -2.22
N ASP C 171 19.84 -3.17 -2.51
CA ASP C 171 21.20 -3.70 -2.67
C ASP C 171 21.98 -3.16 -3.86
N LEU C 172 21.30 -2.93 -4.98
CA LEU C 172 21.98 -2.48 -6.20
C LEU C 172 21.88 -1.00 -6.57
N GLY C 173 21.11 -0.24 -5.81
CA GLY C 173 20.94 1.17 -6.11
C GLY C 173 22.20 2.01 -6.25
N LYS C 174 23.25 1.66 -5.53
CA LYS C 174 24.50 2.41 -5.59
C LYS C 174 25.35 2.07 -6.81
N ASP C 175 24.98 1.03 -7.55
CA ASP C 175 25.74 0.60 -8.72
C ASP C 175 25.15 1.01 -10.08
N GLY C 176 24.17 1.89 -10.06
CA GLY C 176 23.56 2.33 -11.32
C GLY C 176 22.50 1.37 -11.85
N ILE C 177 22.09 0.43 -11.02
CA ILE C 177 21.07 -0.57 -11.39
C ILE C 177 19.73 -0.31 -10.69
N THR C 178 18.63 -0.31 -11.45
CA THR C 178 17.31 -0.13 -10.84
C THR C 178 16.61 -1.49 -10.90
N VAL C 179 15.74 -1.74 -9.93
CA VAL C 179 15.00 -3.00 -9.89
C VAL C 179 13.56 -2.61 -9.65
N ASN C 180 12.69 -2.98 -10.59
CA ASN C 180 11.28 -2.65 -10.51
C ASN C 180 10.43 -3.84 -10.93
N ALA C 181 9.12 -3.75 -10.68
CA ALA C 181 8.20 -4.81 -11.04
C ALA C 181 7.00 -4.26 -11.78
N ILE C 182 6.42 -5.10 -12.63
CA ILE C 182 5.24 -4.73 -13.40
C ILE C 182 4.17 -5.74 -13.02
N ALA C 183 2.99 -5.24 -12.65
CA ALA C 183 1.91 -6.13 -12.25
C ALA C 183 0.73 -6.10 -13.20
N PRO C 184 0.62 -7.11 -14.09
CA PRO C 184 -0.47 -7.21 -15.06
C PRO C 184 -1.62 -7.97 -14.37
N SER C 185 -2.81 -7.95 -14.97
CA SER C 185 -3.93 -8.69 -14.42
C SER C 185 -3.70 -10.15 -14.81
N LEU C 186 -4.35 -11.07 -14.10
CA LEU C 186 -4.22 -12.47 -14.41
C LEU C 186 -5.36 -12.79 -15.38
N VAL C 187 -5.02 -13.36 -16.54
CA VAL C 187 -6.04 -13.70 -17.53
C VAL C 187 -6.06 -15.19 -17.84
N MET C 207 -15.85 -3.44 -16.18
CA MET C 207 -16.42 -4.21 -15.07
C MET C 207 -15.75 -3.81 -13.76
N LEU C 208 -14.73 -4.59 -13.38
CA LEU C 208 -13.98 -4.32 -12.16
C LEU C 208 -12.85 -3.34 -12.47
N GLN C 209 -12.59 -3.14 -13.76
CA GLN C 209 -11.54 -2.23 -14.20
C GLN C 209 -12.17 -0.85 -14.44
N ALA C 210 -11.33 0.17 -14.47
CA ALA C 210 -11.83 1.53 -14.71
C ALA C 210 -11.94 1.68 -16.23
N ILE C 211 -11.02 1.03 -16.94
CA ILE C 211 -11.01 1.07 -18.39
C ILE C 211 -11.57 -0.26 -18.87
N PRO C 212 -12.80 -0.25 -19.42
CA PRO C 212 -13.54 -1.41 -19.93
C PRO C 212 -12.91 -2.00 -21.19
N ARG C 213 -11.67 -2.44 -21.07
CA ARG C 213 -10.96 -3.02 -22.21
C ARG C 213 -10.22 -4.27 -21.75
N LEU C 214 -10.21 -5.29 -22.59
CA LEU C 214 -9.53 -6.54 -22.28
C LEU C 214 -8.03 -6.30 -22.37
N GLN C 215 -7.28 -6.80 -21.39
CA GLN C 215 -5.83 -6.61 -21.39
C GLN C 215 -5.15 -7.50 -22.43
N VAL C 216 -4.13 -6.96 -23.08
CA VAL C 216 -3.36 -7.68 -24.08
C VAL C 216 -1.88 -7.38 -23.84
N PRO C 217 -0.99 -8.34 -24.15
CA PRO C 217 0.46 -8.19 -23.97
C PRO C 217 1.00 -6.80 -24.29
N LEU C 218 0.60 -6.24 -25.44
CA LEU C 218 1.07 -4.91 -25.83
C LEU C 218 0.82 -3.81 -24.79
N ASP C 219 -0.13 -4.02 -23.89
CA ASP C 219 -0.42 -3.02 -22.87
C ASP C 219 0.73 -2.89 -21.86
N LEU C 220 1.55 -3.93 -21.77
CA LEU C 220 2.66 -3.95 -20.82
C LEU C 220 4.01 -3.52 -21.39
N THR C 221 4.15 -3.51 -22.71
CA THR C 221 5.43 -3.16 -23.33
C THR C 221 5.89 -1.73 -23.12
N GLY C 222 4.96 -0.79 -23.05
CA GLY C 222 5.34 0.59 -22.83
C GLY C 222 5.97 0.80 -21.46
N ALA C 223 5.40 0.16 -20.45
CA ALA C 223 5.89 0.28 -19.08
C ALA C 223 7.26 -0.36 -18.95
N ALA C 224 7.42 -1.52 -19.58
CA ALA C 224 8.69 -2.23 -19.54
C ALA C 224 9.78 -1.39 -20.19
N ALA C 225 9.46 -0.83 -21.36
CA ALA C 225 10.39 0.01 -22.11
C ALA C 225 10.76 1.26 -21.32
N PHE C 226 9.76 1.86 -20.68
CA PHE C 226 9.99 3.05 -19.87
C PHE C 226 10.95 2.74 -18.73
N LEU C 227 10.62 1.70 -17.96
CA LEU C 227 11.45 1.30 -16.82
C LEU C 227 12.87 0.91 -17.22
N ALA C 228 13.02 0.31 -18.39
CA ALA C 228 14.35 -0.10 -18.85
C ALA C 228 15.14 1.07 -19.46
N SER C 229 14.50 2.21 -19.64
CA SER C 229 15.16 3.37 -20.22
C SER C 229 15.74 4.31 -19.18
N ASP C 230 16.42 5.35 -19.64
CA ASP C 230 17.02 6.33 -18.75
C ASP C 230 16.02 7.41 -18.34
N ASP C 231 14.77 7.23 -18.75
CA ASP C 231 13.71 8.16 -18.38
C ASP C 231 13.24 7.75 -16.98
N ALA C 232 13.72 6.59 -16.52
CA ALA C 232 13.35 6.06 -15.21
C ALA C 232 14.55 5.70 -14.35
N SER C 233 15.65 6.41 -14.53
CA SER C 233 16.87 6.11 -13.79
C SER C 233 16.76 6.39 -12.29
N PHE C 234 15.83 7.25 -11.90
CA PHE C 234 15.65 7.57 -10.48
C PHE C 234 14.48 6.81 -9.88
N ILE C 235 14.00 5.81 -10.60
CA ILE C 235 12.87 4.99 -10.16
C ILE C 235 13.34 3.57 -9.89
N THR C 236 13.25 3.14 -8.64
CA THR C 236 13.66 1.78 -8.31
C THR C 236 12.93 1.27 -7.06
N GLY C 237 12.77 -0.05 -6.98
CA GLY C 237 12.08 -0.66 -5.88
C GLY C 237 10.56 -0.52 -5.98
N GLN C 238 10.09 -0.06 -7.12
CA GLN C 238 8.66 0.16 -7.31
C GLN C 238 7.92 -0.93 -8.07
N THR C 239 6.61 -1.00 -7.84
CA THR C 239 5.76 -1.97 -8.53
C THR C 239 4.71 -1.14 -9.28
N LEU C 240 4.70 -1.28 -10.60
CA LEU C 240 3.75 -0.53 -11.41
C LEU C 240 2.66 -1.45 -11.93
N ALA C 241 1.43 -1.18 -11.50
CA ALA C 241 0.28 -1.98 -11.90
C ALA C 241 -0.29 -1.48 -13.23
N VAL C 242 -0.36 -2.36 -14.22
CA VAL C 242 -0.89 -2.02 -15.54
C VAL C 242 -2.07 -2.96 -15.72
N ASP C 243 -3.26 -2.51 -15.35
CA ASP C 243 -4.43 -3.37 -15.41
C ASP C 243 -5.75 -2.65 -15.69
N GLY C 244 -5.69 -1.50 -16.35
CA GLY C 244 -6.91 -0.78 -16.64
C GLY C 244 -7.51 -0.10 -15.42
N GLY C 245 -6.72 0.03 -14.36
CA GLY C 245 -7.20 0.69 -13.17
C GLY C 245 -8.11 -0.09 -12.23
N MET C 246 -7.85 -1.37 -12.05
CA MET C 246 -8.66 -2.16 -11.14
C MET C 246 -8.09 -1.98 -9.74
N VAL C 247 -6.86 -2.44 -9.53
CA VAL C 247 -6.23 -2.31 -8.22
C VAL C 247 -5.64 -0.92 -8.01
N ARG C 248 -5.56 -0.51 -6.75
CA ARG C 248 -5.01 0.77 -6.37
C ARG C 248 -4.09 0.48 -5.18
N HIS C 249 -2.88 1.02 -5.21
CA HIS C 249 -1.93 0.78 -4.11
C HIS C 249 -0.95 1.94 -4.03
N GLN D 3 8.29 12.10 -31.04
CA GLN D 3 7.41 13.10 -30.36
C GLN D 3 6.05 12.52 -30.00
N ARG D 4 5.99 11.85 -28.86
CA ARG D 4 4.78 11.22 -28.38
C ARG D 4 3.63 12.18 -28.01
N LEU D 5 3.94 13.46 -27.86
CA LEU D 5 2.90 14.42 -27.51
C LEU D 5 2.59 15.40 -28.64
N LYS D 6 2.91 15.00 -29.86
CA LYS D 6 2.66 15.83 -31.04
C LYS D 6 1.18 16.15 -31.19
N ASP D 7 0.86 17.39 -31.53
CA ASP D 7 -0.52 17.84 -31.72
C ASP D 7 -1.34 17.73 -30.44
N LYS D 8 -0.70 18.00 -29.30
CA LYS D 8 -1.38 17.94 -28.02
C LYS D 8 -1.25 19.27 -27.31
N LEU D 9 -2.27 19.66 -26.58
CA LEU D 9 -2.24 20.90 -25.80
C LEU D 9 -2.20 20.46 -24.35
N ALA D 10 -1.13 20.82 -23.66
CA ALA D 10 -0.97 20.44 -22.25
C ALA D 10 -0.98 21.65 -21.33
N VAL D 11 -1.78 21.54 -20.27
CA VAL D 11 -1.87 22.59 -19.27
C VAL D 11 -1.04 22.19 -18.06
N ILE D 12 -0.22 23.11 -17.56
CA ILE D 12 0.58 22.83 -16.38
C ILE D 12 0.31 23.94 -15.39
N THR D 13 -0.23 23.60 -14.23
CA THR D 13 -0.51 24.60 -13.21
C THR D 13 0.77 24.79 -12.38
N GLY D 14 1.06 26.04 -12.01
CA GLY D 14 2.27 26.32 -11.27
C GLY D 14 3.44 25.99 -12.16
N GLY D 15 3.29 26.23 -13.46
CA GLY D 15 4.34 25.91 -14.40
C GLY D 15 5.39 26.98 -14.68
N ALA D 16 5.37 28.08 -13.94
CA ALA D 16 6.35 29.15 -14.16
C ALA D 16 7.74 28.76 -13.64
N ASN D 17 7.80 27.89 -12.65
CA ASN D 17 9.09 27.49 -12.08
C ASN D 17 9.14 26.04 -11.61
N GLY D 18 10.33 25.64 -11.17
CA GLY D 18 10.55 24.31 -10.64
C GLY D 18 10.07 23.13 -11.46
N ILE D 19 9.49 22.15 -10.76
CA ILE D 19 8.99 20.95 -11.41
C ILE D 19 7.97 21.30 -12.48
N GLY D 20 7.07 22.23 -12.15
CA GLY D 20 6.06 22.64 -13.10
C GLY D 20 6.68 23.06 -14.42
N ARG D 21 7.63 23.99 -14.35
CA ARG D 21 8.29 24.45 -15.56
C ARG D 21 9.03 23.33 -16.28
N ALA D 22 9.72 22.48 -15.52
CA ALA D 22 10.47 21.37 -16.11
C ALA D 22 9.56 20.42 -16.91
N ILE D 23 8.39 20.11 -16.35
CA ILE D 23 7.46 19.22 -17.04
C ILE D 23 6.96 19.89 -18.32
N ALA D 24 6.59 21.17 -18.20
CA ALA D 24 6.09 21.93 -19.33
C ALA D 24 7.09 21.92 -20.48
N GLU D 25 8.36 22.17 -20.17
CA GLU D 25 9.38 22.17 -21.20
C GLU D 25 9.61 20.79 -21.82
N ARG D 26 9.61 19.76 -20.99
CA ARG D 26 9.80 18.41 -21.53
C ARG D 26 8.63 18.06 -22.44
N PHE D 27 7.42 18.46 -22.03
CA PHE D 27 6.24 18.19 -22.84
C PHE D 27 6.36 18.90 -24.18
N ALA D 28 6.92 20.11 -24.16
CA ALA D 28 7.10 20.87 -25.39
C ALA D 28 8.10 20.13 -26.27
N VAL D 29 9.16 19.61 -25.64
CA VAL D 29 10.17 18.85 -26.36
C VAL D 29 9.50 17.66 -27.04
N GLU D 30 8.49 17.09 -26.39
CA GLU D 30 7.79 15.94 -26.93
C GLU D 30 6.81 16.32 -28.05
N GLY D 31 6.75 17.62 -28.37
CA GLY D 31 5.88 18.06 -29.44
C GLY D 31 4.56 18.71 -29.07
N ALA D 32 4.31 18.92 -27.78
CA ALA D 32 3.05 19.54 -27.38
C ALA D 32 3.14 21.05 -27.21
N ASP D 33 2.00 21.72 -27.38
CA ASP D 33 1.94 23.16 -27.17
C ASP D 33 1.62 23.30 -25.68
N ILE D 34 1.91 24.46 -25.11
CA ILE D 34 1.73 24.65 -23.69
C ILE D 34 0.87 25.82 -23.20
N ALA D 35 0.11 25.57 -22.14
CA ALA D 35 -0.72 26.58 -21.50
C ALA D 35 -0.35 26.54 -20.02
N ILE D 36 0.16 27.64 -19.49
CA ILE D 36 0.58 27.72 -18.09
C ILE D 36 -0.32 28.61 -17.25
N ALA D 37 -0.75 28.07 -16.10
CA ALA D 37 -1.59 28.80 -15.17
C ALA D 37 -0.71 29.01 -13.95
N ASP D 38 -0.49 30.26 -13.55
CA ASP D 38 0.35 30.53 -12.40
C ASP D 38 0.16 31.94 -11.86
N LEU D 39 0.62 32.16 -10.65
CA LEU D 39 0.51 33.45 -9.97
C LEU D 39 1.48 34.45 -10.58
N VAL D 40 2.66 33.98 -10.95
CA VAL D 40 3.69 34.83 -11.54
C VAL D 40 3.90 34.53 -13.02
N PRO D 41 4.46 35.51 -13.77
CA PRO D 41 4.71 35.35 -15.20
C PRO D 41 5.73 34.23 -15.45
N ALA D 42 5.77 33.71 -16.67
CA ALA D 42 6.71 32.64 -17.02
C ALA D 42 7.56 32.96 -18.24
N PRO D 43 8.25 34.11 -18.24
CA PRO D 43 9.10 34.51 -19.36
C PRO D 43 10.20 33.52 -19.73
N GLU D 44 10.80 32.88 -18.73
CA GLU D 44 11.86 31.91 -19.01
C GLU D 44 11.27 30.70 -19.72
N ALA D 45 10.18 30.16 -19.17
CA ALA D 45 9.53 28.99 -19.74
C ALA D 45 9.02 29.29 -21.15
N GLU D 46 8.41 30.46 -21.32
CA GLU D 46 7.89 30.84 -22.63
C GLU D 46 8.98 30.90 -23.70
N ALA D 47 10.13 31.46 -23.34
CA ALA D 47 11.25 31.56 -24.26
C ALA D 47 11.75 30.18 -24.65
N ALA D 48 11.89 29.30 -23.67
CA ALA D 48 12.38 27.94 -23.93
C ALA D 48 11.41 27.15 -24.81
N ILE D 49 10.11 27.34 -24.57
CA ILE D 49 9.10 26.62 -25.34
C ILE D 49 9.05 27.14 -26.77
N ARG D 50 9.10 28.46 -26.94
CA ARG D 50 9.06 29.05 -28.28
C ARG D 50 10.31 28.62 -29.05
N ASN D 51 11.44 28.52 -28.34
CA ASN D 51 12.70 28.11 -28.97
C ASN D 51 12.59 26.71 -29.55
N LEU D 52 11.67 25.93 -28.99
CA LEU D 52 11.45 24.56 -29.45
C LEU D 52 10.40 24.55 -30.56
N GLY D 53 9.98 25.74 -30.96
CA GLY D 53 8.99 25.88 -32.02
C GLY D 53 7.58 25.50 -31.65
N ARG D 54 7.23 25.61 -30.36
CA ARG D 54 5.89 25.26 -29.91
C ARG D 54 5.12 26.52 -29.50
N ARG D 55 3.80 26.40 -29.44
CA ARG D 55 2.95 27.52 -29.04
C ARG D 55 2.84 27.50 -27.51
N VAL D 56 2.89 28.67 -26.90
CA VAL D 56 2.79 28.74 -25.44
C VAL D 56 1.96 29.93 -24.96
N LEU D 57 1.14 29.67 -23.95
CA LEU D 57 0.30 30.70 -23.34
C LEU D 57 0.46 30.68 -21.83
N THR D 58 0.66 31.85 -21.24
CA THR D 58 0.80 31.97 -19.79
C THR D 58 -0.26 32.93 -19.30
N VAL D 59 -0.92 32.56 -18.21
CA VAL D 59 -1.99 33.37 -17.66
C VAL D 59 -1.89 33.59 -16.16
N LYS D 60 -2.00 34.85 -15.74
CA LYS D 60 -1.96 35.17 -14.32
C LYS D 60 -3.22 34.53 -13.78
N CYS D 61 -3.08 33.67 -12.78
CA CYS D 61 -4.25 33.00 -12.25
C CYS D 61 -4.02 32.36 -10.89
N ASP D 62 -4.98 32.55 -9.99
CA ASP D 62 -4.92 31.94 -8.67
C ASP D 62 -5.77 30.68 -8.87
N VAL D 63 -5.11 29.56 -9.08
CA VAL D 63 -5.79 28.29 -9.33
C VAL D 63 -6.70 27.80 -8.21
N SER D 64 -6.69 28.47 -7.06
CA SER D 64 -7.57 28.04 -5.97
C SER D 64 -8.92 28.75 -6.11
N GLN D 65 -8.97 29.78 -6.94
CA GLN D 65 -10.20 30.53 -7.13
C GLN D 65 -11.02 30.05 -8.33
N PRO D 66 -12.23 29.54 -8.08
CA PRO D 66 -13.08 29.05 -9.17
C PRO D 66 -13.25 30.07 -10.29
N GLY D 67 -13.35 31.35 -9.93
CA GLY D 67 -13.51 32.39 -10.91
C GLY D 67 -12.32 32.44 -11.85
N ASP D 68 -11.12 32.38 -11.27
CA ASP D 68 -9.88 32.41 -12.05
C ASP D 68 -9.76 31.18 -12.94
N VAL D 69 -9.94 30.01 -12.35
CA VAL D 69 -9.82 28.77 -13.10
C VAL D 69 -10.82 28.73 -14.26
N GLU D 70 -12.05 29.14 -14.00
CA GLU D 70 -13.07 29.15 -15.04
C GLU D 70 -12.64 30.05 -16.20
N ALA D 71 -12.15 31.25 -15.87
CA ALA D 71 -11.69 32.19 -16.88
C ALA D 71 -10.50 31.61 -17.63
N PHE D 72 -9.62 30.94 -16.89
CA PHE D 72 -8.45 30.33 -17.49
C PHE D 72 -8.90 29.24 -18.47
N GLY D 73 -9.88 28.46 -18.06
CA GLY D 73 -10.39 27.39 -18.91
C GLY D 73 -10.91 27.91 -20.25
N LYS D 74 -11.76 28.92 -20.19
CA LYS D 74 -12.32 29.51 -21.41
C LYS D 74 -11.22 30.04 -22.33
N GLN D 75 -10.22 30.69 -21.75
CA GLN D 75 -9.12 31.24 -22.53
C GLN D 75 -8.31 30.14 -23.20
N VAL D 76 -8.03 29.06 -22.48
CA VAL D 76 -7.27 27.95 -23.05
C VAL D 76 -8.03 27.29 -24.19
N ILE D 77 -9.31 27.02 -23.98
CA ILE D 77 -10.14 26.38 -25.00
C ILE D 77 -10.25 27.26 -26.25
N SER D 78 -10.49 28.56 -26.05
CA SER D 78 -10.60 29.48 -27.17
C SER D 78 -9.27 29.54 -27.93
N THR D 79 -8.19 29.70 -27.19
CA THR D 79 -6.85 29.82 -27.76
C THR D 79 -6.31 28.58 -28.48
N PHE D 80 -6.60 27.39 -27.97
CA PHE D 80 -6.08 26.18 -28.60
C PHE D 80 -7.13 25.23 -29.11
N GLY D 81 -8.39 25.51 -28.79
CA GLY D 81 -9.47 24.65 -29.23
C GLY D 81 -9.71 23.50 -28.27
N ARG D 82 -8.70 23.13 -27.49
CA ARG D 82 -8.86 22.03 -26.54
C ARG D 82 -7.67 21.82 -25.62
N CYS D 83 -7.87 20.97 -24.61
CA CYS D 83 -6.81 20.61 -23.67
C CYS D 83 -6.79 19.09 -23.62
N ASP D 84 -5.65 18.50 -24.00
CA ASP D 84 -5.52 17.06 -24.01
C ASP D 84 -4.86 16.51 -22.75
N ILE D 85 -4.00 17.32 -22.15
CA ILE D 85 -3.26 16.91 -20.96
C ILE D 85 -3.32 17.98 -19.88
N LEU D 86 -3.68 17.57 -18.66
CA LEU D 86 -3.74 18.50 -17.55
C LEU D 86 -2.81 18.03 -16.44
N VAL D 87 -1.82 18.85 -16.12
CA VAL D 87 -0.89 18.54 -15.06
C VAL D 87 -1.19 19.43 -13.86
N ASN D 88 -1.78 18.82 -12.82
CA ASN D 88 -2.10 19.55 -11.59
C ASN D 88 -0.84 19.52 -10.72
N ASN D 89 0.02 20.50 -10.96
CA ASN D 89 1.29 20.63 -10.27
C ASN D 89 1.24 21.67 -9.13
N ALA D 90 0.44 22.70 -9.30
CA ALA D 90 0.31 23.77 -8.32
C ALA D 90 0.12 23.28 -6.88
N GLY D 91 0.81 23.93 -5.96
CA GLY D 91 0.71 23.57 -4.56
C GLY D 91 1.71 24.29 -3.69
N ILE D 92 1.44 24.33 -2.39
CA ILE D 92 2.33 24.96 -1.41
C ILE D 92 2.65 23.90 -0.35
N TYR D 93 3.73 24.11 0.39
CA TYR D 93 4.15 23.16 1.40
C TYR D 93 4.87 23.82 2.57
N PRO D 94 4.23 24.78 3.23
CA PRO D 94 4.91 25.42 4.35
C PRO D 94 4.95 24.48 5.56
N LEU D 95 6.07 24.49 6.27
CA LEU D 95 6.22 23.66 7.45
C LEU D 95 5.56 24.41 8.60
N ILE D 96 4.64 23.75 9.28
CA ILE D 96 3.92 24.37 10.38
C ILE D 96 3.59 23.37 11.48
N PRO D 97 4.22 23.52 12.66
CA PRO D 97 3.98 22.62 13.78
C PRO D 97 2.48 22.55 14.03
N PHE D 98 1.98 21.39 14.45
CA PHE D 98 0.54 21.27 14.68
C PHE D 98 -0.02 22.30 15.65
N ASP D 99 0.66 22.50 16.78
CA ASP D 99 0.16 23.46 17.77
C ASP D 99 0.16 24.90 17.26
N GLU D 100 0.77 25.12 16.10
CA GLU D 100 0.81 26.47 15.51
C GLU D 100 -0.09 26.56 14.28
N LEU D 101 -0.55 25.40 13.81
CA LEU D 101 -1.41 25.34 12.63
C LEU D 101 -2.82 25.87 12.90
N THR D 102 -3.23 26.91 12.18
CA THR D 102 -4.56 27.46 12.37
C THR D 102 -5.52 26.92 11.33
N PHE D 103 -6.82 27.08 11.58
CA PHE D 103 -7.84 26.61 10.65
C PHE D 103 -7.70 27.37 9.33
N GLU D 104 -7.30 28.63 9.41
CA GLU D 104 -7.14 29.45 8.21
C GLU D 104 -6.02 28.89 7.34
N GLN D 105 -4.90 28.55 7.96
CA GLN D 105 -3.76 27.99 7.24
C GLN D 105 -4.13 26.64 6.65
N TRP D 106 -4.81 25.83 7.45
CA TRP D 106 -5.25 24.50 7.04
C TRP D 106 -6.15 24.62 5.81
N LYS D 107 -7.13 25.52 5.89
CA LYS D 107 -8.07 25.75 4.81
C LYS D 107 -7.35 26.25 3.56
N LYS D 108 -6.45 27.20 3.74
CA LYS D 108 -5.68 27.75 2.64
C LYS D 108 -4.91 26.65 1.91
N THR D 109 -4.29 25.75 2.68
CA THR D 109 -3.52 24.66 2.08
C THR D 109 -4.40 23.77 1.20
N PHE D 110 -5.63 23.52 1.62
CA PHE D 110 -6.53 22.69 0.84
C PHE D 110 -7.00 23.41 -0.43
N GLU D 111 -7.31 24.70 -0.31
CA GLU D 111 -7.79 25.47 -1.45
C GLU D 111 -6.80 25.44 -2.60
N ILE D 112 -5.53 25.67 -2.28
CA ILE D 112 -4.48 25.68 -3.29
C ILE D 112 -4.07 24.29 -3.76
N ASN D 113 -3.83 23.40 -2.81
CA ASN D 113 -3.37 22.04 -3.12
C ASN D 113 -4.41 21.06 -3.65
N VAL D 114 -5.64 21.19 -3.18
CA VAL D 114 -6.70 20.26 -3.59
C VAL D 114 -7.79 20.83 -4.50
N ASP D 115 -8.33 21.99 -4.14
CA ASP D 115 -9.39 22.58 -4.96
C ASP D 115 -8.95 22.90 -6.38
N SER D 116 -7.70 23.32 -6.54
CA SER D 116 -7.18 23.65 -7.86
C SER D 116 -7.35 22.48 -8.83
N GLY D 117 -6.92 21.30 -8.39
CA GLY D 117 -7.02 20.11 -9.22
C GLY D 117 -8.45 19.80 -9.60
N PHE D 118 -9.37 19.99 -8.66
CA PHE D 118 -10.77 19.74 -8.91
C PHE D 118 -11.32 20.76 -9.90
N LEU D 119 -11.04 22.03 -9.63
CA LEU D 119 -11.50 23.12 -10.49
C LEU D 119 -10.94 22.98 -11.91
N MET D 120 -9.67 22.60 -12.02
CA MET D 120 -9.05 22.42 -13.32
C MET D 120 -9.67 21.23 -14.06
N ALA D 121 -10.06 20.20 -13.34
CA ALA D 121 -10.67 19.02 -13.96
C ALA D 121 -12.07 19.37 -14.49
N LYS D 122 -12.82 20.16 -13.74
CA LYS D 122 -14.16 20.56 -14.14
C LYS D 122 -14.09 21.39 -15.42
N ALA D 123 -12.99 22.12 -15.60
CA ALA D 123 -12.81 22.97 -16.76
C ALA D 123 -12.37 22.24 -18.03
N PHE D 124 -11.48 21.26 -17.89
CA PHE D 124 -10.96 20.56 -19.05
C PHE D 124 -11.48 19.14 -19.34
N VAL D 125 -12.06 18.48 -18.36
CA VAL D 125 -12.57 17.12 -18.60
C VAL D 125 -13.66 17.05 -19.69
N PRO D 126 -14.61 18.01 -19.70
CA PRO D 126 -15.65 17.95 -20.74
C PRO D 126 -15.04 17.85 -22.15
N GLY D 127 -14.08 18.72 -22.43
CA GLY D 127 -13.43 18.71 -23.73
C GLY D 127 -12.74 17.40 -24.03
N MET D 128 -12.10 16.82 -23.01
CA MET D 128 -11.40 15.54 -23.17
C MET D 128 -12.39 14.42 -23.48
N LYS D 129 -13.46 14.38 -22.69
CA LYS D 129 -14.47 13.36 -22.87
C LYS D 129 -15.00 13.44 -24.29
N ARG D 130 -15.30 14.65 -24.76
CA ARG D 130 -15.80 14.83 -26.11
C ARG D 130 -14.84 14.28 -27.16
N ASN D 131 -13.54 14.55 -26.99
CA ASN D 131 -12.53 14.08 -27.93
C ASN D 131 -12.19 12.62 -27.72
N GLY D 132 -12.73 12.02 -26.66
CA GLY D 132 -12.47 10.62 -26.38
C GLY D 132 -11.03 10.28 -26.01
N TRP D 133 -10.27 11.26 -25.54
CA TRP D 133 -8.88 11.02 -25.15
C TRP D 133 -8.45 12.11 -24.18
N GLY D 134 -7.71 11.72 -23.16
CA GLY D 134 -7.25 12.69 -22.19
C GLY D 134 -6.27 12.10 -21.21
N ARG D 135 -5.54 12.98 -20.54
CA ARG D 135 -4.56 12.57 -19.56
C ARG D 135 -4.54 13.59 -18.43
N ILE D 136 -4.75 13.14 -17.20
CA ILE D 136 -4.67 14.03 -16.06
C ILE D 136 -3.57 13.48 -15.15
N ILE D 137 -2.65 14.34 -14.74
CA ILE D 137 -1.55 13.92 -13.90
C ILE D 137 -1.47 14.82 -12.66
N ASN D 138 -1.67 14.21 -11.50
CA ASN D 138 -1.64 14.95 -10.25
C ASN D 138 -0.33 14.78 -9.47
N LEU D 139 0.22 15.89 -9.00
CA LEU D 139 1.45 15.84 -8.24
C LEU D 139 1.12 15.66 -6.76
N THR D 140 1.67 14.61 -6.16
CA THR D 140 1.45 14.35 -4.74
C THR D 140 2.82 14.43 -4.08
N SER D 141 3.07 13.61 -3.05
CA SER D 141 4.36 13.67 -2.37
C SER D 141 4.65 12.38 -1.61
N THR D 142 5.92 11.98 -1.57
CA THR D 142 6.28 10.76 -0.86
C THR D 142 6.13 10.93 0.65
N THR D 143 6.03 12.18 1.12
CA THR D 143 5.86 12.42 2.56
C THR D 143 4.58 11.71 3.02
N TYR D 144 3.74 11.33 2.06
CA TYR D 144 2.50 10.61 2.33
C TYR D 144 2.76 9.28 3.04
N TRP D 145 3.90 8.66 2.73
CA TRP D 145 4.27 7.38 3.35
C TRP D 145 5.37 7.55 4.39
N LEU D 146 5.78 8.79 4.66
CA LEU D 146 6.86 9.03 5.60
C LEU D 146 6.50 9.63 6.94
N LYS D 147 7.32 9.33 7.94
CA LYS D 147 7.16 9.86 9.27
C LYS D 147 7.89 11.20 9.23
N ILE D 148 7.15 12.30 9.34
CA ILE D 148 7.76 13.61 9.31
C ILE D 148 6.78 14.58 9.97
N GLU D 149 7.30 15.45 10.83
CA GLU D 149 6.47 16.39 11.58
C GLU D 149 6.23 17.72 10.89
N ALA D 150 5.25 18.46 11.42
CA ALA D 150 4.90 19.79 10.93
C ALA D 150 4.32 19.85 9.52
N TYR D 151 3.67 18.78 9.07
CA TYR D 151 3.07 18.74 7.74
C TYR D 151 1.70 18.09 7.76
N THR D 152 0.98 18.26 8.86
CA THR D 152 -0.35 17.65 8.96
C THR D 152 -1.29 18.20 7.90
N HIS D 153 -1.18 19.50 7.61
CA HIS D 153 -2.02 20.11 6.58
C HIS D 153 -1.55 19.64 5.20
N TYR D 154 -0.26 19.76 4.94
CA TYR D 154 0.33 19.36 3.65
C TYR D 154 0.06 17.90 3.31
N ILE D 155 0.47 16.99 4.19
CA ILE D 155 0.27 15.57 3.93
C ILE D 155 -1.20 15.23 3.78
N SER D 156 -2.07 15.96 4.48
CA SER D 156 -3.50 15.73 4.36
C SER D 156 -3.94 16.01 2.91
N THR D 157 -3.45 17.11 2.35
CA THR D 157 -3.79 17.49 0.99
C THR D 157 -3.13 16.55 -0.02
N LYS D 158 -1.91 16.11 0.29
CA LYS D 158 -1.20 15.20 -0.60
C LYS D 158 -1.90 13.84 -0.66
N ALA D 159 -2.53 13.43 0.43
CA ALA D 159 -3.26 12.16 0.44
C ALA D 159 -4.53 12.37 -0.37
N ALA D 160 -5.15 13.53 -0.20
CA ALA D 160 -6.37 13.87 -0.93
C ALA D 160 -6.10 13.81 -2.44
N ASN D 161 -4.91 14.27 -2.85
CA ASN D 161 -4.51 14.25 -4.25
C ASN D 161 -4.59 12.84 -4.81
N ILE D 162 -4.21 11.87 -3.97
CA ILE D 162 -4.22 10.47 -4.37
C ILE D 162 -5.64 9.90 -4.46
N GLY D 163 -6.48 10.25 -3.48
CA GLY D 163 -7.86 9.78 -3.52
C GLY D 163 -8.53 10.37 -4.75
N PHE D 164 -8.25 11.64 -5.02
CA PHE D 164 -8.82 12.32 -6.18
C PHE D 164 -8.39 11.58 -7.44
N THR D 165 -7.11 11.25 -7.50
CA THR D 165 -6.54 10.52 -8.63
C THR D 165 -7.27 9.20 -8.87
N ARG D 166 -7.40 8.42 -7.80
CA ARG D 166 -8.06 7.11 -7.86
C ARG D 166 -9.56 7.18 -8.20
N ALA D 167 -10.29 8.07 -7.53
CA ALA D 167 -11.72 8.20 -7.76
C ALA D 167 -12.02 8.77 -9.14
N LEU D 168 -11.31 9.82 -9.55
CA LEU D 168 -11.56 10.40 -10.86
C LEU D 168 -11.20 9.40 -11.96
N ALA D 169 -10.17 8.58 -11.74
CA ALA D 169 -9.78 7.58 -12.73
C ALA D 169 -10.96 6.65 -13.00
N SER D 170 -11.67 6.28 -11.94
CA SER D 170 -12.83 5.41 -12.04
C SER D 170 -13.94 6.10 -12.83
N ASP D 171 -14.20 7.37 -12.50
CA ASP D 171 -15.22 8.15 -13.17
C ASP D 171 -14.97 8.32 -14.67
N LEU D 172 -13.72 8.50 -15.07
CA LEU D 172 -13.40 8.74 -16.47
C LEU D 172 -12.80 7.58 -17.26
N GLY D 173 -12.71 6.41 -16.64
CA GLY D 173 -12.12 5.26 -17.32
C GLY D 173 -12.73 4.88 -18.65
N LYS D 174 -14.02 5.13 -18.82
CA LYS D 174 -14.69 4.77 -20.07
C LYS D 174 -14.59 5.86 -21.12
N ASP D 175 -14.10 7.04 -20.73
CA ASP D 175 -14.00 8.16 -21.67
C ASP D 175 -12.67 8.28 -22.41
N GLY D 176 -11.79 7.31 -22.25
CA GLY D 176 -10.49 7.36 -22.92
C GLY D 176 -9.54 8.29 -22.17
N ILE D 177 -9.88 8.60 -20.93
CA ILE D 177 -9.07 9.48 -20.10
C ILE D 177 -8.47 8.70 -18.93
N THR D 178 -7.17 8.90 -18.69
CA THR D 178 -6.52 8.22 -17.57
C THR D 178 -6.14 9.30 -16.57
N VAL D 179 -6.12 8.93 -15.30
CA VAL D 179 -5.76 9.86 -14.24
C VAL D 179 -4.77 9.16 -13.33
N ASN D 180 -3.56 9.70 -13.27
CA ASN D 180 -2.51 9.12 -12.44
C ASN D 180 -1.83 10.21 -11.64
N ALA D 181 -0.98 9.80 -10.70
CA ALA D 181 -0.25 10.75 -9.88
C ALA D 181 1.21 10.39 -9.84
N ILE D 182 2.03 11.41 -9.60
CA ILE D 182 3.49 11.24 -9.51
C ILE D 182 3.87 11.74 -8.12
N ALA D 183 4.67 10.95 -7.42
CA ALA D 183 5.10 11.30 -6.07
C ALA D 183 6.60 11.56 -5.94
N PRO D 184 7.02 12.83 -5.98
CA PRO D 184 8.45 13.17 -5.85
C PRO D 184 8.73 13.26 -4.35
N SER D 185 10.00 13.28 -3.98
CA SER D 185 10.33 13.43 -2.57
C SER D 185 10.19 14.92 -2.27
N LEU D 186 9.94 15.28 -1.01
CA LEU D 186 9.79 16.69 -0.66
C LEU D 186 11.14 17.41 -0.69
N VAL D 187 11.15 18.57 -1.35
CA VAL D 187 12.38 19.37 -1.48
C VAL D 187 13.06 19.57 -0.13
N ASN D 206 19.94 10.76 0.82
CA ASN D 206 21.22 10.09 0.58
C ASN D 206 21.16 8.63 1.04
N MET D 207 21.40 8.40 2.33
CA MET D 207 21.39 7.07 2.90
C MET D 207 20.00 6.44 2.98
N LEU D 208 18.96 7.26 2.95
CA LEU D 208 17.60 6.76 3.02
C LEU D 208 17.06 6.30 1.67
N GLN D 209 17.75 6.68 0.60
CA GLN D 209 17.34 6.30 -0.75
C GLN D 209 18.19 5.13 -1.21
N ALA D 210 17.69 4.35 -2.16
CA ALA D 210 18.45 3.23 -2.69
C ALA D 210 19.49 3.84 -3.63
N ILE D 211 19.09 4.92 -4.29
CA ILE D 211 19.95 5.67 -5.20
C ILE D 211 20.34 6.93 -4.42
N PRO D 212 21.60 6.96 -3.95
CA PRO D 212 22.23 8.02 -3.16
C PRO D 212 22.13 9.50 -3.55
N ARG D 213 22.25 9.83 -4.83
CA ARG D 213 22.20 11.23 -5.23
C ARG D 213 20.90 11.98 -4.94
N LEU D 214 20.99 13.31 -4.99
CA LEU D 214 19.87 14.19 -4.75
C LEU D 214 18.94 14.20 -5.97
N GLN D 215 17.65 14.35 -5.71
CA GLN D 215 16.65 14.38 -6.78
C GLN D 215 16.64 15.73 -7.51
N VAL D 216 16.57 15.67 -8.84
CA VAL D 216 16.50 16.88 -9.66
C VAL D 216 15.23 16.83 -10.48
N PRO D 217 14.72 18.00 -10.90
CA PRO D 217 13.49 18.11 -11.70
C PRO D 217 13.43 17.17 -12.89
N LEU D 218 14.57 16.97 -13.55
CA LEU D 218 14.61 16.10 -14.72
C LEU D 218 14.26 14.66 -14.39
N ASP D 219 14.36 14.28 -13.12
CA ASP D 219 14.03 12.91 -12.74
C ASP D 219 12.54 12.62 -12.87
N LEU D 220 11.71 13.67 -12.76
CA LEU D 220 10.26 13.52 -12.84
C LEU D 220 9.68 13.63 -14.26
N THR D 221 10.36 14.38 -15.13
CA THR D 221 9.88 14.60 -16.48
C THR D 221 9.69 13.34 -17.31
N GLY D 222 10.61 12.39 -17.20
CA GLY D 222 10.47 11.17 -17.95
C GLY D 222 9.19 10.44 -17.57
N ALA D 223 8.88 10.43 -16.27
CA ALA D 223 7.69 9.77 -15.77
C ALA D 223 6.43 10.48 -16.27
N ALA D 224 6.46 11.81 -16.24
CA ALA D 224 5.33 12.61 -16.68
C ALA D 224 5.04 12.37 -18.16
N ALA D 225 6.08 12.39 -18.99
CA ALA D 225 5.93 12.18 -20.42
C ALA D 225 5.34 10.79 -20.71
N PHE D 226 5.85 9.79 -20.00
CA PHE D 226 5.38 8.41 -20.15
C PHE D 226 3.89 8.27 -19.87
N LEU D 227 3.45 8.79 -18.74
CA LEU D 227 2.04 8.73 -18.35
C LEU D 227 1.14 9.46 -19.33
N ALA D 228 1.65 10.55 -19.91
CA ALA D 228 0.88 11.35 -20.86
C ALA D 228 0.87 10.76 -22.26
N SER D 229 1.66 9.72 -22.49
CA SER D 229 1.72 9.10 -23.81
C SER D 229 0.80 7.90 -23.96
N ASP D 230 0.77 7.34 -25.17
CA ASP D 230 -0.04 6.17 -25.46
C ASP D 230 0.60 4.93 -24.85
N ASP D 231 1.83 5.07 -24.39
CA ASP D 231 2.56 3.97 -23.77
C ASP D 231 1.93 3.63 -22.41
N ALA D 232 1.06 4.49 -21.92
CA ALA D 232 0.41 4.27 -20.62
C ALA D 232 -1.10 4.38 -20.72
N SER D 233 -1.67 3.95 -21.84
CA SER D 233 -3.11 4.04 -22.04
C SER D 233 -3.91 3.05 -21.21
N PHE D 234 -3.27 2.01 -20.71
CA PHE D 234 -3.98 1.02 -19.91
C PHE D 234 -3.66 1.20 -18.42
N ILE D 235 -2.95 2.29 -18.11
CA ILE D 235 -2.55 2.59 -16.75
C ILE D 235 -3.37 3.76 -16.21
N THR D 236 -4.14 3.52 -15.16
CA THR D 236 -4.93 4.59 -14.58
C THR D 236 -5.23 4.35 -13.10
N GLY D 237 -5.36 5.44 -12.35
CA GLY D 237 -5.63 5.37 -10.93
C GLY D 237 -4.39 5.09 -10.10
N GLN D 238 -3.23 5.08 -10.75
CA GLN D 238 -1.97 4.76 -10.08
C GLN D 238 -1.18 5.96 -9.58
N THR D 239 -0.31 5.69 -8.62
CA THR D 239 0.57 6.70 -8.04
C THR D 239 1.98 6.16 -8.25
N LEU D 240 2.80 6.92 -8.97
CA LEU D 240 4.16 6.51 -9.27
C LEU D 240 5.17 7.32 -8.46
N ALA D 241 5.89 6.64 -7.57
CA ALA D 241 6.89 7.29 -6.74
C ALA D 241 8.24 7.36 -7.45
N VAL D 242 8.75 8.57 -7.61
CA VAL D 242 10.04 8.82 -8.24
C VAL D 242 10.88 9.50 -7.17
N ASP D 243 11.59 8.70 -6.39
CA ASP D 243 12.38 9.26 -5.29
C ASP D 243 13.67 8.52 -4.98
N GLY D 244 14.25 7.85 -5.96
CA GLY D 244 15.49 7.15 -5.72
C GLY D 244 15.34 5.90 -4.89
N GLY D 245 14.11 5.37 -4.84
CA GLY D 245 13.86 4.16 -4.09
C GLY D 245 13.79 4.24 -2.58
N MET D 246 13.25 5.34 -2.06
CA MET D 246 13.12 5.46 -0.62
C MET D 246 11.85 4.75 -0.18
N VAL D 247 10.70 5.24 -0.63
CA VAL D 247 9.43 4.63 -0.26
C VAL D 247 9.09 3.44 -1.15
N ARG D 248 8.32 2.51 -0.59
CA ARG D 248 7.87 1.32 -1.31
C ARG D 248 6.39 1.15 -0.94
N HIS D 249 5.55 0.95 -1.95
CA HIS D 249 4.12 0.82 -1.70
C HIS D 249 3.47 -0.03 -2.80
#